data_6LTR
#
_entry.id   6LTR
#
_cell.length_a   93.256
_cell.length_b   123.025
_cell.length_c   280.420
_cell.angle_alpha   90.000
_cell.angle_beta   90.000
_cell.angle_gamma   90.000
#
_symmetry.space_group_name_H-M   'C 2 2 21'
#
loop_
_entity.id
_entity.type
_entity.pdbx_description
1 polymer Cas12i2
2 polymer 'RNA (56-mer)'
3 polymer "DNA (5'-D(*GP*CP*CP*GP*CP*TP*TP*TP*CP*TP*TP*T)-3')"
4 polymer 'DNA (35-MER)'
5 polymer 'trans ssDNA'
6 non-polymer 1,2-ETHANEDIOL
7 non-polymer 'MAGNESIUM ION'
8 water water
#
loop_
_entity_poly.entity_id
_entity_poly.type
_entity_poly.pdbx_seq_one_letter_code
_entity_poly.pdbx_strand_id
1 'polypeptide(L)'
;SMSSAIKSYKSVLRPNERKNQLLKSTIQCLEDGSAFFFKMLQGLFGGITPEIVRFSTEQEKQQQDIALWCAVNWFRPVSQ
DSLTHTIASDNLVEKFEEYYGGTASDAIKQYFSASIGESYYWNDCRQQYYDLCRELGVEVSDLTHDLEILCREKCLAVAT
ESNQNNSIISVLFGTGEKEDRSVKLRITKKILEAISNLKEIPKNVAPIQEIILNVAKATKETFRQVYAGNLGAPSTLEKF
IAKDGQKEFDLKKLQTDLKKVIRGKSKERDWCCQEELRSYVEQNTIQYDLWAWGEMFNKAHTALKIKSTRNYNFAKQRLE
QFKEIQSLNNLLVVKKLNDFFDSEFFSGEETYTICVHHLGGKDLSKLYKAWEDDPADPENAIVVLCDDLKNNFKKEPIRN
ILRYIFTIRQECSAQDILAAAKYNQQLDRYKSQKANPSVLGNQGFTWTNAVILPEKAQRNDRPNSLDLRIWLYLKLRHPD
GRWKKHHIPFYDTRFFQEIYAAGNSPVDTCQFRTPRFGYHLPKLTDQTAIRVNKKHVKAAKTEARIRLAIQQGTLPVSNL
KITEISATINSKGQVRIPVKFDVGRQKGTLQIGDRFCGYDQNQTASHAYSLWEVVKEGQYHKELGCFVRFISSGDIVSIT
ENRGNQFDQLSYEGLAYPQYADWRKKASKFVSLWQITKKNKKKEIVTVEAKEKFDAICKYQPRLYKFNKEYAYLLRDIVR
GKSLVELQQIRQEIFRFIEQDCGVTRLGSLSLSTLETVKAVKGIIYSYFSTALNASKNNPISDEQRKEFDPELFALLEKL
ELIRTRKKKQKVERIANSLIQTCLENNIKFIRGAGDLSTTNNATKKKANSRSMDWLARGVFNKIRQLAPMHNITLFGCGS
LYTSHQDPLVHRNPDKAMKCRWAAIPVKDIGDWVLRKLSQNLRAKNIGTGEYYHQGVKEFLSHYELQDLEEELLKWRSDR
KSNIPCWVLQNRLAEKLGNKEAVVYIPVRGGRIYFATHKVATGAVSIVFDQKQVWVCNADHVAAANIALTVKGIGEQSSD
EENPDGSRIKLQLTS
;
A
2 'polyribonucleotide' GGAGAAAUCCGUCUUUCAUUGACGGAACAGAGCAAGCAGGGUGACAUUAUUUAAUC B
3 'polydeoxyribonucleotide' (DG)(DC)(DC)(DG)(DC)(DT)(DT)(DT)(DC)(DT)(DT)(DT)(DT) D
4 'polydeoxyribonucleotide'
;(DA)(DA)(DT)(DA)(DA)(DT)(DG)(DT)(DC)(DA)(DC)(DC)(DC)(DT)(DG)(DC)(DT)(DT)(DG)(DC)
(DT)(DC)(DT)(DG)(DT)(DT)(DG)(DA)(DA)(DA)(DG)(DC)(DG)(DG)(DC)
;
C
5 'polydeoxyribonucleotide' (DA)(DC)(DC)(DC)(DA)(DA) E
#
# COMPACT_ATOMS: atom_id res chain seq x y z
N SER A 1 7.65 16.30 22.27
CA SER A 1 8.37 16.38 21.00
C SER A 1 7.50 16.87 19.84
N MET A 2 8.17 17.52 18.88
CA MET A 2 7.55 18.18 17.75
C MET A 2 7.55 17.24 16.55
N SER A 3 6.36 16.81 16.14
CA SER A 3 6.17 15.98 14.96
C SER A 3 5.99 16.85 13.73
N SER A 4 6.54 16.35 12.61
CA SER A 4 6.56 17.03 11.33
C SER A 4 6.21 16.04 10.23
N ALA A 5 6.04 16.55 9.01
CA ALA A 5 5.70 15.75 7.85
C ALA A 5 6.40 16.32 6.62
N ILE A 6 6.20 15.69 5.47
CA ILE A 6 6.83 16.11 4.22
C ILE A 6 5.79 16.15 3.12
N LYS A 7 5.66 17.31 2.47
CA LYS A 7 4.98 17.45 1.19
C LYS A 7 6.02 17.66 0.11
N SER A 8 5.63 17.41 -1.13
CA SER A 8 6.61 17.54 -2.21
C SER A 8 5.94 18.02 -3.48
N TYR A 9 6.77 18.54 -4.38
CA TYR A 9 6.34 19.06 -5.66
C TYR A 9 7.27 18.52 -6.72
N LYS A 10 6.83 18.66 -7.96
CA LYS A 10 7.38 17.84 -9.01
C LYS A 10 6.99 18.30 -10.41
N SER A 11 8.00 18.55 -11.24
CA SER A 11 7.84 19.22 -12.53
C SER A 11 9.06 18.87 -13.39
N VAL A 12 9.26 19.62 -14.46
CA VAL A 12 10.32 19.36 -15.44
C VAL A 12 11.14 20.63 -15.60
N LEU A 13 12.45 20.50 -15.63
CA LEU A 13 13.31 21.66 -15.78
C LEU A 13 13.32 22.14 -17.24
N ARG A 14 13.53 23.44 -17.42
CA ARG A 14 13.52 24.07 -18.74
C ARG A 14 14.76 24.92 -18.95
N PRO A 15 15.95 24.32 -18.93
CA PRO A 15 17.18 25.10 -19.15
C PRO A 15 17.33 25.47 -20.61
N ASN A 16 18.07 26.54 -20.84
CA ASN A 16 18.45 26.82 -22.22
C ASN A 16 19.48 25.79 -22.67
N GLU A 17 19.80 25.81 -23.95
CA GLU A 17 20.63 24.74 -24.51
C GLU A 17 22.01 24.65 -23.85
N ARG A 18 22.63 25.80 -23.57
CA ARG A 18 23.98 25.81 -22.96
C ARG A 18 23.90 25.17 -21.57
N LYS A 19 22.97 25.64 -20.72
CA LYS A 19 22.80 25.11 -19.34
C LYS A 19 22.29 23.68 -19.37
N ASN A 20 21.57 23.33 -20.43
CA ASN A 20 21.15 21.93 -20.56
C ASN A 20 22.33 21.01 -20.82
N GLN A 21 23.26 21.42 -21.68
CA GLN A 21 24.50 20.66 -21.83
C GLN A 21 25.21 20.52 -20.49
N LEU A 22 25.34 21.62 -19.76
CA LEU A 22 26.04 21.58 -18.47
C LEU A 22 25.35 20.63 -17.50
N LEU A 23 24.03 20.70 -17.41
CA LEU A 23 23.28 19.87 -16.47
C LEU A 23 23.36 18.39 -16.83
N LYS A 24 23.15 18.07 -18.11
CA LYS A 24 23.21 16.67 -18.52
C LYS A 24 24.60 16.09 -18.31
N SER A 25 25.64 16.87 -18.61
CA SER A 25 27.00 16.41 -18.38
C SER A 25 27.28 16.18 -16.89
N THR A 26 26.81 17.10 -16.04
CA THR A 26 27.00 16.93 -14.60
C THR A 26 26.31 15.68 -14.10
N ILE A 27 25.08 15.43 -14.57
CA ILE A 27 24.34 14.26 -14.13
C ILE A 27 25.02 12.98 -14.60
N GLN A 28 25.54 12.98 -15.84
CA GLN A 28 26.28 11.82 -16.32
C GLN A 28 27.52 11.57 -15.47
N CYS A 29 28.22 12.64 -15.09
CA CYS A 29 29.36 12.52 -14.20
C CYS A 29 28.97 11.89 -12.87
N LEU A 30 27.88 12.38 -12.26
CA LEU A 30 27.43 11.84 -10.99
C LEU A 30 27.04 10.37 -11.13
N GLU A 31 26.41 10.00 -12.24
CA GLU A 31 26.00 8.61 -12.46
C GLU A 31 27.20 7.69 -12.62
N ASP A 32 28.22 8.13 -13.36
CA ASP A 32 29.44 7.33 -13.49
C ASP A 32 30.11 7.13 -12.14
N GLY A 33 30.22 8.21 -11.36
CA GLY A 33 30.76 8.08 -10.01
C GLY A 33 29.94 7.17 -9.13
N SER A 34 28.61 7.19 -9.31
CA SER A 34 27.73 6.30 -8.55
C SER A 34 28.00 4.85 -8.89
N ALA A 35 28.16 4.53 -10.18
CA ALA A 35 28.48 3.16 -10.57
C ALA A 35 29.81 2.72 -9.97
N PHE A 36 30.80 3.62 -9.98
CA PHE A 36 32.09 3.27 -9.42
C PHE A 36 32.00 3.01 -7.91
N PHE A 37 31.33 3.91 -7.17
CA PHE A 37 31.11 3.64 -5.76
C PHE A 37 30.35 2.35 -5.55
N PHE A 38 29.42 2.01 -6.45
CA PHE A 38 28.67 0.77 -6.28
C PHE A 38 29.58 -0.43 -6.31
N LYS A 39 30.43 -0.52 -7.34
CA LYS A 39 31.37 -1.65 -7.41
C LYS A 39 32.32 -1.66 -6.22
N MET A 40 32.88 -0.48 -5.89
CA MET A 40 33.87 -0.42 -4.82
C MET A 40 33.28 -0.79 -3.47
N LEU A 41 32.07 -0.29 -3.17
CA LEU A 41 31.42 -0.61 -1.91
C LEU A 41 30.97 -2.07 -1.88
N GLN A 42 30.62 -2.64 -3.04
CA GLN A 42 30.38 -4.07 -3.10
C GLN A 42 31.59 -4.84 -2.59
N GLY A 43 32.78 -4.49 -3.09
CA GLY A 43 33.99 -5.13 -2.58
C GLY A 43 34.23 -4.85 -1.11
N LEU A 44 34.13 -3.57 -0.72
CA LEU A 44 34.40 -3.17 0.65
C LEU A 44 33.54 -3.95 1.63
N PHE A 45 32.24 -4.05 1.34
CA PHE A 45 31.34 -4.81 2.18
C PHE A 45 31.64 -6.30 2.10
N GLY A 46 32.15 -6.78 0.97
CA GLY A 46 32.70 -8.13 0.94
C GLY A 46 33.82 -8.32 1.93
N GLY A 47 34.45 -7.23 2.38
CA GLY A 47 35.50 -7.34 3.38
C GLY A 47 35.14 -7.41 4.85
N ILE A 48 33.85 -7.34 5.24
CA ILE A 48 33.52 -7.25 6.66
C ILE A 48 33.81 -8.57 7.37
N THR A 49 34.10 -8.47 8.66
CA THR A 49 34.42 -9.60 9.51
C THR A 49 33.30 -9.87 10.50
N PRO A 50 33.21 -11.10 11.03
CA PRO A 50 32.26 -11.35 12.11
C PRO A 50 32.47 -10.46 13.32
N GLU A 51 33.71 -10.04 13.64
CA GLU A 51 33.84 -9.07 14.71
C GLU A 51 33.16 -7.75 14.40
N ILE A 52 33.28 -7.27 13.15
CA ILE A 52 32.69 -5.98 12.81
C ILE A 52 31.19 -6.03 13.01
N VAL A 53 30.57 -7.12 12.53
CA VAL A 53 29.13 -7.29 12.70
C VAL A 53 28.76 -7.41 14.17
N ARG A 54 29.58 -8.13 14.95
CA ARG A 54 29.31 -8.26 16.38
C ARG A 54 29.35 -6.90 17.08
N PHE A 55 30.35 -6.08 16.76
CA PHE A 55 30.44 -4.76 17.39
C PHE A 55 29.27 -3.87 16.97
N SER A 56 28.85 -3.97 15.71
CA SER A 56 27.74 -3.15 15.24
C SER A 56 26.39 -3.64 15.74
N THR A 57 26.31 -4.90 16.17
CA THR A 57 25.11 -5.59 16.65
C THR A 57 24.98 -5.65 18.16
N GLU A 58 26.05 -5.33 18.89
CA GLU A 58 26.19 -5.77 20.26
C GLU A 58 25.09 -5.23 21.19
N GLN A 59 24.71 -3.96 21.05
CA GLN A 59 23.80 -3.30 21.98
C GLN A 59 22.33 -3.46 21.59
N GLU A 60 22.04 -4.36 20.65
CA GLU A 60 20.67 -4.49 20.08
C GLU A 60 19.85 -5.50 20.90
N LYS A 61 18.60 -5.15 21.21
CA LYS A 61 17.75 -6.00 22.08
C LYS A 61 17.46 -7.36 21.44
N GLN A 62 17.13 -7.37 20.15
CA GLN A 62 16.90 -8.66 19.45
C GLN A 62 18.25 -9.24 19.06
N GLN A 63 18.51 -10.50 19.40
CA GLN A 63 19.80 -11.14 19.07
C GLN A 63 19.90 -11.26 17.55
N GLN A 64 21.09 -11.06 17.00
CA GLN A 64 21.25 -11.07 15.53
C GLN A 64 22.10 -12.27 15.09
N ASP A 65 21.86 -12.76 13.87
CA ASP A 65 22.63 -13.86 13.30
C ASP A 65 23.83 -13.24 12.60
N ILE A 66 24.98 -13.27 13.28
CA ILE A 66 26.20 -12.65 12.74
C ILE A 66 26.61 -13.32 11.44
N ALA A 67 26.49 -14.65 11.37
CA ALA A 67 26.91 -15.38 10.18
C ALA A 67 26.04 -15.02 8.98
N LEU A 68 24.73 -14.86 9.18
CA LEU A 68 23.85 -14.48 8.07
C LEU A 68 24.16 -13.08 7.57
N TRP A 69 24.43 -12.15 8.49
CA TRP A 69 24.81 -10.80 8.10
C TRP A 69 26.14 -10.80 7.34
N CYS A 70 27.05 -11.69 7.70
CA CYS A 70 28.28 -11.84 6.93
C CYS A 70 27.98 -12.40 5.54
N ALA A 71 27.09 -13.39 5.46
CA ALA A 71 26.81 -14.05 4.18
C ALA A 71 26.14 -13.10 3.20
N VAL A 72 25.19 -12.28 3.66
CA VAL A 72 24.49 -11.39 2.74
C VAL A 72 25.36 -10.23 2.27
N ASN A 73 26.56 -10.08 2.82
CA ASN A 73 27.54 -9.12 2.33
C ASN A 73 28.67 -9.75 1.56
N TRP A 74 28.99 -11.03 1.83
CA TRP A 74 30.08 -11.69 1.13
C TRP A 74 29.66 -12.23 -0.22
N PHE A 75 28.40 -12.64 -0.36
CA PHE A 75 27.90 -13.22 -1.61
C PHE A 75 26.62 -12.50 -1.99
N ARG A 76 26.60 -11.93 -3.20
CA ARG A 76 25.46 -11.14 -3.64
C ARG A 76 25.01 -11.58 -5.03
N PRO A 77 23.72 -11.84 -5.25
CA PRO A 77 23.22 -11.89 -6.62
C PRO A 77 23.33 -10.50 -7.24
N VAL A 78 23.91 -10.42 -8.44
CA VAL A 78 24.18 -9.12 -9.06
C VAL A 78 23.85 -9.16 -10.54
N SER A 79 23.74 -7.97 -11.12
CA SER A 79 23.72 -7.84 -12.57
C SER A 79 25.15 -7.94 -13.12
N GLN A 80 25.23 -8.27 -14.41
CA GLN A 80 26.48 -8.25 -15.18
C GLN A 80 27.36 -7.06 -14.87
N ASP A 81 26.75 -5.90 -14.59
CA ASP A 81 27.50 -4.65 -14.49
C ASP A 81 28.41 -4.59 -13.27
N SER A 82 28.04 -5.28 -12.17
CA SER A 82 28.90 -5.31 -10.99
C SER A 82 29.44 -6.71 -10.72
N LEU A 83 29.28 -7.62 -11.68
CA LEU A 83 29.79 -8.98 -11.57
C LEU A 83 31.29 -8.96 -11.83
N THR A 84 32.08 -9.18 -10.78
CA THR A 84 33.53 -9.20 -10.89
C THR A 84 34.14 -10.57 -10.62
N HIS A 85 33.56 -11.35 -9.72
CA HIS A 85 34.05 -12.70 -9.41
C HIS A 85 32.85 -13.63 -9.39
N THR A 86 32.48 -14.16 -10.56
CA THR A 86 31.37 -15.10 -10.64
C THR A 86 31.70 -16.36 -9.85
N ILE A 87 30.73 -16.82 -9.07
CA ILE A 87 30.86 -18.06 -8.31
C ILE A 87 29.65 -18.94 -8.61
N ALA A 88 29.91 -20.21 -8.88
CA ALA A 88 28.82 -21.15 -9.11
C ALA A 88 28.02 -21.34 -7.83
N SER A 89 26.70 -21.50 -7.99
CA SER A 89 25.82 -21.71 -6.84
C SER A 89 26.30 -22.90 -6.01
N ASP A 90 26.92 -23.89 -6.66
CA ASP A 90 27.31 -25.13 -5.99
C ASP A 90 28.41 -24.92 -4.96
N ASN A 91 29.24 -23.90 -5.12
CA ASN A 91 30.37 -23.69 -4.22
C ASN A 91 30.12 -22.60 -3.19
N LEU A 92 28.88 -22.11 -3.08
CA LEU A 92 28.57 -21.03 -2.15
C LEU A 92 28.80 -21.46 -0.71
N VAL A 93 28.28 -22.62 -0.33
CA VAL A 93 28.42 -23.09 1.05
C VAL A 93 29.89 -23.36 1.38
N GLU A 94 30.60 -24.02 0.47
CA GLU A 94 32.02 -24.30 0.68
C GLU A 94 32.81 -23.02 0.90
N LYS A 95 32.70 -22.06 -0.03
CA LYS A 95 33.50 -20.84 0.06
C LYS A 95 33.09 -20.01 1.28
N PHE A 96 31.79 -20.03 1.63
CA PHE A 96 31.37 -19.33 2.83
C PHE A 96 32.01 -19.93 4.07
N GLU A 97 32.04 -21.26 4.16
CA GLU A 97 32.66 -21.88 5.32
C GLU A 97 34.15 -21.55 5.37
N GLU A 98 34.80 -21.50 4.22
CA GLU A 98 36.21 -21.11 4.18
C GLU A 98 36.39 -19.71 4.74
N TYR A 99 35.53 -18.77 4.34
CA TYR A 99 35.66 -17.40 4.84
C TYR A 99 35.33 -17.29 6.32
N TYR A 100 34.26 -17.97 6.75
CA TYR A 100 33.77 -17.85 8.12
C TYR A 100 34.53 -18.73 9.10
N GLY A 101 35.24 -19.74 8.61
CA GLY A 101 35.90 -20.68 9.51
C GLY A 101 34.91 -21.46 10.36
N GLY A 102 33.81 -21.89 9.76
CA GLY A 102 32.80 -22.62 10.51
C GLY A 102 31.71 -23.09 9.57
N THR A 103 30.94 -24.07 10.06
CA THR A 103 29.93 -24.70 9.24
C THR A 103 28.74 -23.76 9.02
N ALA A 104 28.19 -23.79 7.81
CA ALA A 104 27.16 -22.84 7.43
C ALA A 104 25.87 -23.05 8.24
N SER A 105 25.27 -21.93 8.65
CA SER A 105 23.95 -21.92 9.24
C SER A 105 22.90 -22.37 8.22
N ASP A 106 21.79 -22.89 8.73
CA ASP A 106 20.70 -23.33 7.86
C ASP A 106 20.02 -22.16 7.16
N ALA A 107 19.92 -21.00 7.83
CA ALA A 107 19.39 -19.82 7.16
C ALA A 107 20.29 -19.39 6.00
N ILE A 108 21.61 -19.48 6.20
CA ILE A 108 22.54 -19.20 5.11
C ILE A 108 22.37 -20.23 4.00
N LYS A 109 22.13 -21.49 4.37
CA LYS A 109 21.79 -22.51 3.38
C LYS A 109 20.61 -22.08 2.54
N GLN A 110 19.55 -21.60 3.20
CA GLN A 110 18.35 -21.19 2.48
C GLN A 110 18.62 -19.99 1.57
N TYR A 111 19.46 -19.07 2.04
CA TYR A 111 19.84 -17.93 1.20
C TYR A 111 20.58 -18.39 -0.05
N PHE A 112 21.47 -19.37 0.08
CA PHE A 112 22.25 -19.82 -1.06
C PHE A 112 21.46 -20.70 -2.02
N SER A 113 20.50 -21.47 -1.51
CA SER A 113 19.71 -22.37 -2.34
C SER A 113 18.58 -21.65 -3.06
N ALA A 114 18.34 -20.37 -2.77
CA ALA A 114 17.21 -19.66 -3.36
C ALA A 114 17.46 -19.35 -4.84
N SER A 115 16.37 -19.26 -5.59
CA SER A 115 16.46 -18.93 -7.00
C SER A 115 16.81 -17.45 -7.18
N ILE A 116 17.47 -17.15 -8.29
CA ILE A 116 17.73 -15.77 -8.70
C ILE A 116 17.31 -15.62 -10.15
N GLY A 117 16.91 -14.41 -10.52
CA GLY A 117 16.39 -14.16 -11.86
C GLY A 117 17.41 -14.46 -12.94
N GLU A 118 16.92 -14.42 -14.19
CA GLU A 118 17.73 -14.86 -15.33
C GLU A 118 19.01 -14.05 -15.49
N SER A 119 18.95 -12.74 -15.25
CA SER A 119 20.05 -11.83 -15.60
C SER A 119 20.96 -11.50 -14.42
N TYR A 120 20.86 -12.26 -13.32
CA TYR A 120 21.65 -12.02 -12.12
C TYR A 120 22.51 -13.24 -11.86
N TYR A 121 23.73 -13.06 -11.38
CA TYR A 121 24.59 -14.19 -11.09
C TYR A 121 25.22 -13.93 -9.74
N TRP A 122 25.49 -14.99 -9.00
CA TRP A 122 26.11 -14.88 -7.70
C TRP A 122 27.52 -14.34 -7.84
N ASN A 123 27.86 -13.41 -6.99
CA ASN A 123 29.17 -12.77 -6.98
C ASN A 123 29.79 -12.96 -5.61
N ASP A 124 31.03 -13.45 -5.60
CA ASP A 124 31.83 -13.61 -4.39
C ASP A 124 32.48 -12.26 -4.09
N CYS A 125 31.84 -11.48 -3.21
CA CYS A 125 32.33 -10.14 -2.92
C CYS A 125 33.54 -10.11 -2.01
N ARG A 126 33.81 -11.19 -1.27
CA ARG A 126 35.03 -11.24 -0.46
C ARG A 126 36.26 -11.41 -1.35
N GLN A 127 36.17 -12.23 -2.40
CA GLN A 127 37.24 -12.30 -3.39
C GLN A 127 37.43 -10.94 -4.05
N GLN A 128 36.33 -10.23 -4.32
CA GLN A 128 36.43 -8.88 -4.88
C GLN A 128 37.13 -7.95 -3.89
N TYR A 129 36.89 -8.12 -2.59
CA TYR A 129 37.58 -7.33 -1.59
C TYR A 129 39.08 -7.59 -1.62
N TYR A 130 39.47 -8.86 -1.74
CA TYR A 130 40.89 -9.19 -1.86
C TYR A 130 41.52 -8.53 -3.09
N ASP A 131 40.84 -8.64 -4.23
CA ASP A 131 41.37 -8.02 -5.44
C ASP A 131 41.41 -6.50 -5.33
N LEU A 132 40.47 -5.90 -4.60
CA LEU A 132 40.51 -4.47 -4.35
C LEU A 132 41.71 -4.09 -3.51
N CYS A 133 42.01 -4.89 -2.47
CA CYS A 133 43.24 -4.67 -1.70
C CYS A 133 44.46 -4.70 -2.62
N ARG A 134 44.51 -5.68 -3.52
CA ARG A 134 45.63 -5.74 -4.47
C ARG A 134 45.68 -4.49 -5.34
N GLU A 135 44.52 -4.07 -5.85
CA GLU A 135 44.45 -2.92 -6.74
C GLU A 135 44.94 -1.66 -6.06
N LEU A 136 44.63 -1.51 -4.77
CA LEU A 136 45.07 -0.34 -4.02
C LEU A 136 46.54 -0.43 -3.60
N GLY A 137 47.13 -1.61 -3.63
CA GLY A 137 48.50 -1.76 -3.16
C GLY A 137 48.65 -1.77 -1.66
N VAL A 138 47.63 -2.22 -0.93
CA VAL A 138 47.66 -2.26 0.52
C VAL A 138 47.45 -3.69 0.99
N GLU A 139 47.92 -3.97 2.20
CA GLU A 139 47.70 -5.28 2.81
C GLU A 139 46.24 -5.44 3.20
N VAL A 140 45.76 -6.68 3.16
CA VAL A 140 44.35 -6.97 3.45
C VAL A 140 44.00 -6.51 4.86
N SER A 141 44.89 -6.78 5.83
CA SER A 141 44.59 -6.42 7.21
C SER A 141 44.56 -4.91 7.42
N ASP A 142 45.35 -4.15 6.65
CA ASP A 142 45.30 -2.69 6.77
C ASP A 142 43.96 -2.14 6.30
N LEU A 143 43.48 -2.61 5.15
CA LEU A 143 42.17 -2.20 4.68
C LEU A 143 41.07 -2.69 5.61
N THR A 144 41.24 -3.86 6.22
CA THR A 144 40.28 -4.33 7.22
C THR A 144 40.26 -3.43 8.45
N HIS A 145 41.43 -2.95 8.86
CA HIS A 145 41.50 -2.01 9.98
C HIS A 145 40.75 -0.72 9.65
N ASP A 146 40.96 -0.19 8.45
CA ASP A 146 40.21 1.00 8.04
C ASP A 146 38.72 0.72 7.93
N LEU A 147 38.35 -0.49 7.48
CA LEU A 147 36.94 -0.88 7.42
C LEU A 147 36.33 -0.93 8.81
N GLU A 148 37.08 -1.45 9.79
CA GLU A 148 36.64 -1.43 11.17
C GLU A 148 36.37 -0.02 11.64
N ILE A 149 37.27 0.91 11.30
CA ILE A 149 37.06 2.30 11.69
C ILE A 149 35.81 2.87 11.02
N LEU A 150 35.63 2.61 9.73
CA LEU A 150 34.49 3.17 9.01
C LEU A 150 33.17 2.64 9.57
N CYS A 151 33.08 1.34 9.83
CA CYS A 151 31.88 0.78 10.41
C CYS A 151 31.66 1.25 11.85
N ARG A 152 32.76 1.48 12.57
CA ARG A 152 32.66 1.96 13.94
C ARG A 152 32.16 3.39 14.01
N GLU A 153 32.59 4.23 13.06
CA GLU A 153 32.14 5.61 13.00
C GLU A 153 30.77 5.77 12.34
N LYS A 154 30.08 4.67 12.03
CA LYS A 154 28.81 4.71 11.30
C LYS A 154 28.94 5.39 9.94
N CYS A 155 30.15 5.43 9.38
CA CYS A 155 30.28 5.93 8.01
C CYS A 155 29.64 4.96 7.02
N LEU A 156 29.68 3.67 7.33
CA LEU A 156 29.01 2.63 6.56
C LEU A 156 27.89 2.03 7.40
N ALA A 157 26.86 1.53 6.74
CA ALA A 157 25.77 0.84 7.46
C ALA A 157 26.13 -0.64 7.57
N VAL A 158 26.14 -1.19 8.78
CA VAL A 158 26.40 -2.64 8.95
C VAL A 158 25.21 -3.23 9.72
N ALA A 159 24.56 -4.22 9.13
CA ALA A 159 23.44 -4.92 9.82
C ALA A 159 22.38 -3.91 10.26
N THR A 160 22.06 -3.91 11.55
CA THR A 160 20.98 -3.05 12.07
C THR A 160 21.47 -1.63 12.38
N GLU A 161 22.75 -1.34 12.13
CA GLU A 161 23.23 -0.03 12.53
C GLU A 161 23.42 0.80 11.28
N SER A 162 22.63 1.86 11.17
CA SER A 162 22.56 2.61 9.93
C SER A 162 23.76 3.54 9.80
N ASN A 163 23.98 4.00 8.57
CA ASN A 163 25.01 4.98 8.31
C ASN A 163 24.56 6.36 8.77
N GLN A 164 25.54 7.24 9.02
CA GLN A 164 25.23 8.65 9.37
C GLN A 164 25.30 9.47 8.09
N ASN A 165 24.25 9.41 7.28
CA ASN A 165 24.17 10.22 6.04
C ASN A 165 25.38 9.95 5.13
N ASN A 166 26.07 11.01 4.71
CA ASN A 166 27.24 10.86 3.81
C ASN A 166 28.51 11.29 4.56
N SER A 167 28.52 11.18 5.90
CA SER A 167 29.66 11.63 6.67
C SER A 167 30.94 10.92 6.28
N ILE A 168 30.83 9.80 5.56
CA ILE A 168 32.03 9.07 5.14
C ILE A 168 32.94 9.97 4.31
N ILE A 169 32.36 10.82 3.46
CA ILE A 169 33.18 11.70 2.62
C ILE A 169 34.01 12.64 3.47
N SER A 170 33.35 13.34 4.42
CA SER A 170 34.08 14.28 5.26
C SER A 170 35.07 13.57 6.17
N VAL A 171 34.69 12.41 6.71
CA VAL A 171 35.53 11.73 7.69
C VAL A 171 36.76 11.13 7.04
N LEU A 172 36.59 10.43 5.91
CA LEU A 172 37.69 9.73 5.28
C LEU A 172 38.50 10.64 4.37
N PHE A 173 37.84 11.52 3.62
CA PHE A 173 38.50 12.33 2.61
C PHE A 173 38.48 13.82 2.91
N GLY A 174 37.97 14.24 4.08
CA GLY A 174 37.82 15.65 4.37
C GLY A 174 39.15 16.35 4.52
N THR A 175 39.19 17.61 4.10
CA THR A 175 40.38 18.43 4.12
C THR A 175 40.54 19.24 5.41
N GLY A 176 39.52 19.30 6.24
CA GLY A 176 39.49 20.20 7.37
C GLY A 176 40.09 19.61 8.63
N GLU A 177 39.97 20.37 9.71
CA GLU A 177 40.58 20.03 10.98
C GLU A 177 39.56 19.32 11.86
N LYS A 178 39.98 18.22 12.49
CA LYS A 178 39.07 17.32 13.16
C LYS A 178 38.93 17.69 14.64
N GLU A 179 38.03 16.97 15.31
CA GLU A 179 37.81 17.16 16.74
C GLU A 179 39.01 16.70 17.54
N ASP A 180 39.10 17.19 18.78
CA ASP A 180 40.03 16.67 19.77
C ASP A 180 39.29 15.60 20.56
N ARG A 181 39.45 14.35 20.13
CA ARG A 181 38.65 13.27 20.71
C ARG A 181 39.08 12.93 22.14
N SER A 182 40.37 13.04 22.46
CA SER A 182 40.84 12.66 23.78
C SER A 182 40.24 13.56 24.87
N VAL A 183 40.16 14.87 24.60
CA VAL A 183 39.51 15.79 25.54
C VAL A 183 38.09 15.33 25.84
N LYS A 184 37.32 15.04 24.78
CA LYS A 184 35.94 14.62 24.96
C LYS A 184 35.85 13.32 25.75
N LEU A 185 36.68 12.34 25.39
CA LEU A 185 36.61 11.05 26.05
C LEU A 185 36.91 11.19 27.54
N ARG A 186 37.95 11.96 27.88
CA ARG A 186 38.33 12.12 29.28
C ARG A 186 37.23 12.84 30.06
N ILE A 187 36.75 13.98 29.54
CA ILE A 187 35.67 14.70 30.22
C ILE A 187 34.45 13.79 30.39
N THR A 188 34.08 13.05 29.35
CA THR A 188 32.85 12.26 29.43
C THR A 188 32.96 11.18 30.49
N LYS A 189 34.07 10.47 30.52
CA LYS A 189 34.22 9.39 31.50
C LYS A 189 34.30 9.93 32.91
N LYS A 190 34.98 11.07 33.12
CA LYS A 190 34.99 11.60 34.47
C LYS A 190 33.65 12.16 34.89
N ILE A 191 32.80 12.64 33.97
CA ILE A 191 31.50 13.06 34.52
C ILE A 191 30.68 11.82 34.82
N LEU A 192 30.84 10.75 34.02
CA LEU A 192 30.03 9.56 34.28
C LEU A 192 30.45 8.91 35.61
N GLU A 193 31.74 8.95 35.93
CA GLU A 193 32.20 8.54 37.25
C GLU A 193 31.81 9.53 38.34
N ALA A 194 31.58 10.80 38.01
CA ALA A 194 31.05 11.73 39.00
C ALA A 194 29.55 11.56 39.26
N ILE A 195 28.81 10.86 38.40
CA ILE A 195 27.35 10.91 38.42
C ILE A 195 26.72 9.54 38.63
N SER A 196 27.50 8.47 38.74
CA SER A 196 26.92 7.14 38.89
C SER A 196 26.87 6.67 40.35
N ASN A 197 27.49 7.39 41.28
CA ASN A 197 27.49 7.00 42.69
C ASN A 197 27.01 8.16 43.56
N LEU A 198 25.97 8.86 43.11
CA LEU A 198 25.44 9.98 43.87
C LEU A 198 24.76 9.49 45.14
N LYS A 199 24.99 10.19 46.26
CA LYS A 199 24.29 9.82 47.47
C LYS A 199 22.87 10.38 47.51
N GLU A 200 22.59 11.44 46.75
CA GLU A 200 21.22 11.89 46.55
C GLU A 200 21.03 12.24 45.09
N ILE A 201 19.94 11.76 44.50
CA ILE A 201 19.62 12.02 43.10
C ILE A 201 18.74 13.26 43.05
N PRO A 202 19.22 14.37 42.49
CA PRO A 202 18.38 15.57 42.42
C PRO A 202 17.23 15.37 41.44
N LYS A 203 16.18 16.16 41.64
CA LYS A 203 15.03 16.13 40.74
C LYS A 203 15.13 17.19 39.65
N ASN A 204 16.03 18.16 39.79
CA ASN A 204 16.29 19.16 38.77
C ASN A 204 17.72 19.02 38.27
N VAL A 205 18.00 19.65 37.13
CA VAL A 205 19.27 19.43 36.44
C VAL A 205 20.41 20.31 36.96
N ALA A 206 20.11 21.38 37.70
CA ALA A 206 21.13 22.34 38.09
C ALA A 206 22.32 21.75 38.82
N PRO A 207 22.16 20.90 39.85
CA PRO A 207 23.35 20.31 40.49
C PRO A 207 24.19 19.47 39.53
N ILE A 208 23.52 18.75 38.63
CA ILE A 208 24.23 18.01 37.60
C ILE A 208 25.02 18.98 36.71
N GLN A 209 24.39 20.09 36.35
CA GLN A 209 25.05 21.05 35.43
C GLN A 209 26.30 21.56 36.15
N GLU A 210 26.18 21.84 37.44
CA GLU A 210 27.34 22.35 38.22
C GLU A 210 28.43 21.27 38.20
N ILE A 211 28.04 20.00 38.39
CA ILE A 211 29.05 18.90 38.43
C ILE A 211 29.75 18.84 37.07
N ILE A 212 29.01 18.92 35.97
CA ILE A 212 29.62 18.79 34.62
C ILE A 212 30.58 19.96 34.41
N LEU A 213 30.17 21.16 34.81
CA LEU A 213 31.03 22.36 34.62
C LEU A 213 32.31 22.22 35.45
N ASN A 214 32.20 21.70 36.67
CA ASN A 214 33.38 21.52 37.55
C ASN A 214 34.29 20.44 36.96
N VAL A 215 33.70 19.37 36.43
CA VAL A 215 34.52 18.30 35.84
C VAL A 215 35.30 18.82 34.64
N ALA A 216 34.66 19.65 33.82
CA ALA A 216 35.28 20.17 32.61
C ALA A 216 36.07 21.46 32.85
N LYS A 217 36.14 21.94 34.08
CA LYS A 217 36.80 23.20 34.41
C LYS A 217 36.28 24.33 33.52
N ALA A 218 34.96 24.42 33.42
CA ALA A 218 34.34 25.34 32.48
C ALA A 218 33.20 26.08 33.15
N THR A 219 32.88 27.24 32.59
CA THR A 219 31.63 27.93 32.88
C THR A 219 30.61 27.55 31.82
N LYS A 220 29.39 28.03 32.02
CA LYS A 220 28.32 27.74 31.08
C LYS A 220 28.56 28.39 29.71
N GLU A 221 29.25 29.53 29.69
CA GLU A 221 29.55 30.22 28.43
C GLU A 221 30.75 29.63 27.71
N THR A 222 31.62 28.92 28.42
CA THR A 222 32.85 28.38 27.85
C THR A 222 32.78 26.87 27.60
N PHE A 223 31.68 26.22 27.97
CA PHE A 223 31.65 24.75 27.94
C PHE A 223 31.78 24.23 26.51
N ARG A 224 31.15 24.89 25.55
CA ARG A 224 31.27 24.44 24.16
C ARG A 224 32.72 24.53 23.70
N GLN A 225 33.40 25.63 24.01
CA GLN A 225 34.80 25.78 23.65
C GLN A 225 35.66 24.73 24.34
N VAL A 226 35.42 24.49 25.63
CA VAL A 226 36.26 23.55 26.37
C VAL A 226 36.05 22.13 25.87
N TYR A 227 34.79 21.72 25.69
CA TYR A 227 34.48 20.33 25.44
C TYR A 227 34.64 19.95 23.97
N ALA A 228 34.17 20.81 23.05
CA ALA A 228 34.16 20.46 21.63
C ALA A 228 35.05 21.37 20.80
N GLY A 229 35.80 22.28 21.42
CA GLY A 229 36.62 23.20 20.66
C GLY A 229 35.82 24.10 19.73
N ASN A 230 34.56 24.36 20.06
CA ASN A 230 33.65 25.17 19.25
C ASN A 230 33.38 24.56 17.88
N LEU A 231 33.55 23.23 17.73
CA LEU A 231 33.49 22.58 16.44
C LEU A 231 32.31 21.61 16.40
N GLY A 232 31.50 21.72 15.34
CA GLY A 232 30.45 20.76 15.07
C GLY A 232 29.10 21.14 15.65
N ALA A 233 28.12 20.29 15.36
CA ALA A 233 26.78 20.48 15.90
C ALA A 233 26.80 20.24 17.42
N PRO A 234 25.95 20.94 18.16
CA PRO A 234 25.98 20.83 19.63
C PRO A 234 25.76 19.38 20.07
N SER A 235 26.59 18.94 21.02
CA SER A 235 26.45 17.59 21.54
C SER A 235 25.30 17.54 22.56
N THR A 236 24.94 16.32 22.93
CA THR A 236 23.94 16.13 23.98
C THR A 236 24.34 16.83 25.27
N LEU A 237 25.63 16.79 25.60
CA LEU A 237 26.11 17.38 26.84
C LEU A 237 26.03 18.90 26.80
N GLU A 238 26.25 19.49 25.61
CA GLU A 238 26.15 20.94 25.50
C GLU A 238 24.72 21.44 25.72
N LYS A 239 23.77 20.71 25.15
CA LYS A 239 22.35 21.02 25.30
C LYS A 239 21.93 20.83 26.74
N PHE A 240 22.48 19.81 27.39
CA PHE A 240 22.20 19.61 28.81
C PHE A 240 22.71 20.78 29.64
N ILE A 241 23.89 21.30 29.31
CA ILE A 241 24.38 22.48 30.01
C ILE A 241 23.50 23.68 29.71
N ALA A 242 22.93 23.76 28.51
CA ALA A 242 22.19 24.94 28.10
C ALA A 242 20.81 25.06 28.76
N LYS A 243 20.21 23.95 29.20
CA LYS A 243 18.81 24.00 29.59
C LYS A 243 18.62 24.65 30.96
N ASP A 244 17.40 25.13 31.18
CA ASP A 244 17.05 25.84 32.42
C ASP A 244 17.30 24.96 33.62
N GLY A 245 17.99 25.50 34.62
CA GLY A 245 18.38 24.75 35.80
C GLY A 245 17.24 24.07 36.54
N GLN A 246 16.00 24.44 36.20
CA GLN A 246 14.81 23.94 36.88
C GLN A 246 14.14 22.78 36.15
N LYS A 247 14.67 22.34 35.02
CA LYS A 247 14.05 21.22 34.34
C LYS A 247 14.30 19.91 35.08
N GLU A 248 13.35 19.00 34.96
CA GLU A 248 13.48 17.70 35.60
C GLU A 248 14.67 16.93 35.06
N PHE A 249 15.37 16.24 35.94
CA PHE A 249 16.57 15.50 35.59
C PHE A 249 16.25 14.03 35.39
N ASP A 250 16.80 13.44 34.33
CA ASP A 250 16.63 12.03 34.01
C ASP A 250 18.01 11.38 34.04
N LEU A 251 18.30 10.64 35.12
CA LEU A 251 19.64 10.08 35.30
C LEU A 251 19.93 8.98 34.29
N LYS A 252 18.98 8.06 34.09
CA LYS A 252 19.24 6.94 33.19
C LYS A 252 19.46 7.42 31.76
N LYS A 253 18.69 8.42 31.32
CA LYS A 253 18.89 8.98 29.99
C LYS A 253 20.30 9.54 29.84
N LEU A 254 20.75 10.35 30.79
CA LEU A 254 22.06 10.96 30.68
C LEU A 254 23.16 9.91 30.70
N GLN A 255 23.05 8.91 31.58
CA GLN A 255 24.04 7.86 31.62
C GLN A 255 24.09 7.09 30.31
N THR A 256 22.91 6.83 29.72
CA THR A 256 22.87 6.15 28.43
C THR A 256 23.56 6.98 27.34
N ASP A 257 23.28 8.28 27.31
CA ASP A 257 23.92 9.16 26.32
C ASP A 257 25.44 9.16 26.49
N LEU A 258 25.91 9.28 27.73
CA LEU A 258 27.35 9.29 27.99
C LEU A 258 27.98 7.97 27.62
N LYS A 259 27.29 6.86 27.87
CA LYS A 259 27.80 5.56 27.45
C LYS A 259 27.96 5.50 25.94
N LYS A 260 27.00 6.07 25.20
CA LYS A 260 27.11 6.06 23.74
C LYS A 260 28.31 6.86 23.28
N VAL A 261 28.53 8.01 23.90
CA VAL A 261 29.68 8.85 23.56
C VAL A 261 30.99 8.13 23.88
N ILE A 262 31.07 7.50 25.04
CA ILE A 262 32.27 6.76 25.43
C ILE A 262 32.53 5.62 24.46
N ARG A 263 31.47 4.88 24.12
CA ARG A 263 31.59 3.77 23.19
C ARG A 263 32.09 4.25 21.82
N GLY A 264 31.53 5.36 21.33
CA GLY A 264 31.86 5.82 19.99
C GLY A 264 33.16 6.57 19.86
N LYS A 265 33.74 7.04 20.97
CA LYS A 265 34.96 7.82 20.93
C LYS A 265 36.07 7.21 21.78
N SER A 266 35.99 5.91 22.06
CA SER A 266 37.06 5.24 22.76
C SER A 266 38.28 5.00 21.88
N LYS A 267 38.11 4.93 20.56
CA LYS A 267 39.20 4.60 19.68
C LYS A 267 39.41 5.73 18.67
N GLU A 268 40.64 5.85 18.19
CA GLU A 268 40.98 6.88 17.24
C GLU A 268 40.50 6.53 15.84
N ARG A 269 40.55 7.51 14.96
CA ARG A 269 40.41 7.27 13.53
C ARG A 269 41.81 7.29 12.89
N ASP A 270 42.55 6.21 13.17
CA ASP A 270 43.95 6.09 12.73
C ASP A 270 43.97 5.27 11.45
N TRP A 271 43.83 5.96 10.33
CA TRP A 271 43.73 5.28 9.04
C TRP A 271 45.06 4.65 8.64
N CYS A 272 44.96 3.52 7.92
CA CYS A 272 46.10 2.90 7.25
C CYS A 272 46.14 3.20 5.77
N CYS A 273 44.99 3.15 5.08
CA CYS A 273 44.93 3.26 3.64
C CYS A 273 44.16 4.50 3.18
N GLN A 274 44.09 5.53 4.04
CA GLN A 274 43.31 6.72 3.71
C GLN A 274 43.75 7.32 2.39
N GLU A 275 45.06 7.50 2.23
CA GLU A 275 45.52 8.22 1.05
C GLU A 275 45.43 7.37 -0.21
N GLU A 276 45.65 6.06 -0.08
CA GLU A 276 45.44 5.17 -1.22
C GLU A 276 43.99 5.19 -1.67
N LEU A 277 43.05 5.09 -0.71
CA LEU A 277 41.63 5.10 -1.07
C LEU A 277 41.24 6.41 -1.72
N ARG A 278 41.75 7.53 -1.19
CA ARG A 278 41.40 8.82 -1.75
C ARG A 278 41.95 8.99 -3.17
N SER A 279 43.19 8.55 -3.40
CA SER A 279 43.73 8.59 -4.77
C SER A 279 42.91 7.71 -5.71
N TYR A 280 42.53 6.52 -5.23
CA TYR A 280 41.71 5.60 -6.03
C TYR A 280 40.40 6.27 -6.45
N VAL A 281 39.68 6.85 -5.49
CA VAL A 281 38.40 7.48 -5.78
C VAL A 281 38.57 8.67 -6.71
N GLU A 282 39.57 9.52 -6.45
CA GLU A 282 39.78 10.68 -7.30
C GLU A 282 40.13 10.28 -8.73
N GLN A 283 40.96 9.23 -8.87
CA GLN A 283 41.32 8.74 -10.20
C GLN A 283 40.09 8.23 -10.95
N ASN A 284 39.22 7.50 -10.25
CA ASN A 284 38.11 6.82 -10.95
C ASN A 284 36.81 7.62 -10.95
N THR A 285 36.80 8.81 -10.38
CA THR A 285 35.61 9.69 -10.40
C THR A 285 36.02 11.07 -10.89
N ILE A 286 35.81 12.09 -10.07
CA ILE A 286 36.25 13.45 -10.44
C ILE A 286 37.13 13.96 -9.30
N GLN A 287 37.66 15.16 -9.45
CA GLN A 287 38.45 15.72 -8.36
C GLN A 287 37.56 16.00 -7.16
N TYR A 288 38.18 16.01 -5.98
CA TYR A 288 37.44 15.98 -4.72
C TYR A 288 36.43 17.11 -4.63
N ASP A 289 35.16 16.73 -4.41
CA ASP A 289 34.10 17.67 -4.09
C ASP A 289 33.18 16.95 -3.12
N LEU A 290 33.06 17.49 -1.91
CA LEU A 290 32.33 16.79 -0.85
C LEU A 290 30.91 16.45 -1.28
N TRP A 291 30.22 17.41 -1.90
CA TRP A 291 28.83 17.18 -2.29
C TRP A 291 28.70 16.10 -3.37
N ALA A 292 29.56 16.16 -4.40
CA ALA A 292 29.42 15.23 -5.52
C ALA A 292 29.80 13.81 -5.11
N TRP A 293 30.93 13.67 -4.40
CA TRP A 293 31.29 12.37 -3.85
C TRP A 293 30.20 11.86 -2.93
N GLY A 294 29.59 12.76 -2.15
CA GLY A 294 28.49 12.36 -1.29
C GLY A 294 27.31 11.83 -2.07
N GLU A 295 26.96 12.47 -3.18
CA GLU A 295 25.84 12.00 -3.99
C GLU A 295 26.11 10.62 -4.58
N MET A 296 27.31 10.43 -5.14
CA MET A 296 27.67 9.11 -5.66
C MET A 296 27.57 8.05 -4.57
N PHE A 297 28.16 8.34 -3.40
CA PHE A 297 28.12 7.40 -2.29
C PHE A 297 26.70 7.10 -1.86
N ASN A 298 25.86 8.13 -1.74
CA ASN A 298 24.50 7.92 -1.28
C ASN A 298 23.77 6.95 -2.19
N LYS A 299 23.80 7.20 -3.50
CA LYS A 299 23.11 6.32 -4.43
C LYS A 299 23.57 4.87 -4.28
N ALA A 300 24.90 4.67 -4.35
CA ALA A 300 25.43 3.30 -4.33
C ALA A 300 25.15 2.60 -3.00
N HIS A 301 25.46 3.29 -1.89
CA HIS A 301 25.33 2.70 -0.56
C HIS A 301 23.88 2.36 -0.24
N THR A 302 22.95 3.24 -0.60
CA THR A 302 21.53 2.95 -0.37
C THR A 302 21.12 1.69 -1.11
N ALA A 303 21.50 1.57 -2.39
CA ALA A 303 21.16 0.36 -3.13
C ALA A 303 21.65 -0.89 -2.41
N LEU A 304 22.95 -0.91 -2.08
CA LEU A 304 23.52 -2.13 -1.51
C LEU A 304 22.89 -2.48 -0.16
N LYS A 305 22.66 -1.47 0.68
CA LYS A 305 22.19 -1.77 2.03
C LYS A 305 20.75 -2.26 2.02
N ILE A 306 19.90 -1.69 1.17
CA ILE A 306 18.52 -2.19 1.14
C ILE A 306 18.50 -3.64 0.67
N LYS A 307 19.33 -3.97 -0.34
CA LYS A 307 19.30 -5.35 -0.80
C LYS A 307 19.81 -6.33 0.27
N SER A 308 20.89 -5.97 0.98
CA SER A 308 21.42 -6.91 1.97
C SER A 308 20.48 -7.09 3.16
N THR A 309 19.86 -6.00 3.63
CA THR A 309 18.88 -6.11 4.70
C THR A 309 17.70 -7.00 4.28
N ARG A 310 17.20 -6.77 3.07
CA ARG A 310 16.09 -7.58 2.58
C ARG A 310 16.49 -9.05 2.51
N ASN A 311 17.70 -9.35 2.05
CA ASN A 311 18.12 -10.74 1.94
C ASN A 311 18.27 -11.41 3.30
N TYR A 312 18.75 -10.67 4.30
CA TYR A 312 18.78 -11.22 5.66
C TYR A 312 17.39 -11.66 6.10
N ASN A 313 16.42 -10.75 6.02
CA ASN A 313 15.07 -11.10 6.45
C ASN A 313 14.49 -12.23 5.61
N PHE A 314 14.74 -12.18 4.30
CA PHE A 314 14.23 -13.19 3.38
C PHE A 314 14.78 -14.57 3.70
N ALA A 315 16.08 -14.66 4.02
CA ALA A 315 16.67 -15.95 4.37
C ALA A 315 16.04 -16.52 5.64
N LYS A 316 15.82 -15.68 6.66
CA LYS A 316 15.20 -16.21 7.88
C LYS A 316 13.77 -16.69 7.61
N GLN A 317 12.99 -15.89 6.88
CA GLN A 317 11.63 -16.31 6.53
C GLN A 317 11.65 -17.60 5.73
N ARG A 318 12.61 -17.75 4.82
CA ARG A 318 12.72 -18.94 4.00
C ARG A 318 13.03 -20.17 4.85
N LEU A 319 13.91 -20.03 5.85
CA LEU A 319 14.19 -21.15 6.74
C LEU A 319 12.93 -21.59 7.47
N GLU A 320 12.11 -20.64 7.91
CA GLU A 320 10.89 -21.03 8.60
C GLU A 320 9.91 -21.72 7.65
N GLN A 321 9.77 -21.22 6.42
CA GLN A 321 8.91 -21.89 5.46
C GLN A 321 9.40 -23.30 5.18
N PHE A 322 10.72 -23.49 5.10
CA PHE A 322 11.28 -24.81 4.88
C PHE A 322 10.99 -25.75 6.04
N LYS A 323 11.13 -25.26 7.28
CA LYS A 323 10.80 -26.10 8.43
C LYS A 323 9.33 -26.51 8.41
N GLU A 324 8.45 -25.56 8.10
CA GLU A 324 7.03 -25.89 8.00
C GLU A 324 6.79 -26.95 6.93
N ILE A 325 7.39 -26.78 5.76
CA ILE A 325 7.24 -27.75 4.68
C ILE A 325 7.70 -29.13 5.14
N GLN A 326 8.82 -29.19 5.85
CA GLN A 326 9.36 -30.47 6.29
C GLN A 326 8.50 -31.09 7.38
N SER A 327 7.78 -30.28 8.16
CA SER A 327 6.91 -30.83 9.18
C SER A 327 5.71 -31.55 8.58
N LEU A 328 5.10 -30.96 7.54
CA LEU A 328 3.89 -31.52 6.94
C LEU A 328 4.18 -32.63 5.94
N ASN A 329 5.42 -33.08 5.84
CA ASN A 329 5.83 -33.99 4.76
C ASN A 329 5.59 -35.44 5.18
N ASN A 330 4.31 -35.80 5.27
CA ASN A 330 3.92 -37.13 5.72
C ASN A 330 4.13 -38.21 4.65
N LEU A 331 4.31 -37.80 3.40
CA LEU A 331 5.10 -38.53 2.39
C LEU A 331 4.50 -39.79 1.79
N LEU A 332 3.52 -40.40 2.43
CA LEU A 332 2.76 -41.45 1.75
C LEU A 332 1.36 -40.99 1.41
N VAL A 333 0.73 -40.23 2.32
CA VAL A 333 -0.48 -39.49 1.98
C VAL A 333 -0.20 -38.40 0.95
N VAL A 334 0.98 -37.76 1.00
CA VAL A 334 1.34 -36.81 -0.07
C VAL A 334 1.31 -37.51 -1.42
N LYS A 335 1.90 -38.71 -1.48
CA LYS A 335 1.98 -39.42 -2.75
C LYS A 335 0.65 -40.05 -3.15
N LYS A 336 -0.21 -40.49 -2.21
CA LYS A 336 -1.57 -40.88 -2.63
C LYS A 336 -2.31 -39.70 -3.22
N LEU A 337 -2.24 -38.55 -2.54
CA LEU A 337 -2.93 -37.37 -3.04
C LEU A 337 -2.49 -37.06 -4.45
N ASN A 338 -1.17 -37.06 -4.68
CA ASN A 338 -0.67 -36.75 -6.01
C ASN A 338 -0.82 -37.90 -7.00
N ASP A 339 -1.12 -39.12 -6.53
CA ASP A 339 -1.43 -40.24 -7.41
C ASP A 339 -2.81 -40.12 -8.04
N PHE A 340 -3.64 -39.21 -7.55
CA PHE A 340 -4.86 -38.81 -8.26
C PHE A 340 -4.67 -38.66 -9.77
N PHE A 341 -3.59 -38.01 -10.19
CA PHE A 341 -3.42 -37.75 -11.62
C PHE A 341 -3.14 -39.02 -12.40
N ASP A 342 -2.57 -40.02 -11.75
CA ASP A 342 -2.37 -41.33 -12.35
C ASP A 342 -3.56 -42.26 -12.13
N SER A 343 -4.56 -41.84 -11.34
CA SER A 343 -5.72 -42.66 -11.07
C SER A 343 -6.73 -42.47 -12.20
N GLU A 344 -7.93 -43.00 -12.06
CA GLU A 344 -8.86 -43.18 -13.17
C GLU A 344 -9.97 -42.15 -13.18
N PHE A 345 -9.79 -41.04 -12.46
CA PHE A 345 -10.67 -39.88 -12.51
C PHE A 345 -10.05 -38.73 -13.31
N PHE A 346 -8.74 -38.54 -13.17
CA PHE A 346 -8.04 -37.57 -13.99
C PHE A 346 -7.98 -38.11 -15.40
N SER A 347 -8.88 -37.64 -16.26
CA SER A 347 -8.90 -37.98 -17.66
C SER A 347 -8.13 -36.99 -18.52
N GLY A 348 -7.45 -36.03 -17.89
CA GLY A 348 -6.73 -35.00 -18.61
C GLY A 348 -5.33 -35.42 -19.00
N GLU A 349 -4.63 -34.47 -19.63
CA GLU A 349 -3.24 -34.66 -20.02
C GLU A 349 -2.27 -33.77 -19.26
N GLU A 350 -2.73 -32.65 -18.72
CA GLU A 350 -1.89 -31.71 -17.97
C GLU A 350 -2.31 -31.70 -16.51
N THR A 351 -1.33 -31.90 -15.63
CA THR A 351 -1.58 -31.94 -14.20
C THR A 351 -1.58 -30.53 -13.62
N TYR A 352 -1.79 -30.43 -12.30
CA TYR A 352 -1.72 -29.16 -11.60
C TYR A 352 -1.51 -29.44 -10.12
N THR A 353 -1.05 -28.42 -9.40
CA THR A 353 -0.83 -28.58 -7.96
C THR A 353 -2.17 -28.70 -7.24
N ILE A 354 -2.36 -29.79 -6.52
CA ILE A 354 -3.58 -29.98 -5.74
C ILE A 354 -3.46 -29.17 -4.46
N CYS A 355 -4.39 -28.24 -4.27
CA CYS A 355 -4.34 -27.29 -3.16
C CYS A 355 -5.47 -27.58 -2.19
N VAL A 356 -5.38 -26.94 -1.02
CA VAL A 356 -6.37 -27.16 0.03
C VAL A 356 -7.75 -26.70 -0.43
N HIS A 357 -7.83 -25.57 -1.13
CA HIS A 357 -9.12 -25.08 -1.59
C HIS A 357 -9.75 -25.99 -2.63
N HIS A 358 -8.97 -26.85 -3.29
CA HIS A 358 -9.52 -27.86 -4.19
C HIS A 358 -10.26 -28.96 -3.45
N LEU A 359 -10.12 -29.02 -2.13
CA LEU A 359 -10.63 -30.10 -1.29
C LEU A 359 -11.73 -29.64 -0.34
N GLY A 360 -12.20 -28.41 -0.47
CA GLY A 360 -13.13 -27.88 0.48
C GLY A 360 -12.52 -27.51 1.81
N GLY A 361 -11.19 -27.51 1.90
CA GLY A 361 -10.49 -27.05 3.09
C GLY A 361 -10.92 -27.79 4.34
N LYS A 362 -11.14 -27.00 5.40
CA LYS A 362 -11.54 -27.54 6.69
C LYS A 362 -12.71 -28.52 6.53
N ASP A 363 -13.71 -28.10 5.76
CA ASP A 363 -14.95 -28.85 5.63
C ASP A 363 -14.75 -30.26 5.10
N LEU A 364 -13.54 -30.60 4.62
CA LEU A 364 -13.28 -31.98 4.24
C LEU A 364 -13.65 -32.93 5.36
N SER A 365 -13.35 -32.54 6.61
CA SER A 365 -13.69 -33.40 7.74
C SER A 365 -15.15 -33.82 7.68
N LYS A 366 -16.06 -32.87 7.50
CA LYS A 366 -17.48 -33.19 7.42
C LYS A 366 -17.73 -34.28 6.40
N LEU A 367 -17.17 -34.13 5.20
CA LEU A 367 -17.34 -35.15 4.17
C LEU A 367 -16.89 -36.51 4.68
N TYR A 368 -15.64 -36.60 5.17
CA TYR A 368 -15.18 -37.80 5.86
C TYR A 368 -16.20 -38.39 6.80
N LYS A 369 -16.72 -37.60 7.74
CA LYS A 369 -17.60 -38.24 8.72
C LYS A 369 -18.81 -38.83 8.03
N ALA A 370 -19.38 -38.10 7.06
CA ALA A 370 -20.53 -38.62 6.31
C ALA A 370 -20.20 -39.94 5.66
N TRP A 371 -18.99 -40.07 5.11
CA TRP A 371 -18.60 -41.33 4.48
C TRP A 371 -18.58 -42.47 5.48
N GLU A 372 -18.00 -42.25 6.66
CA GLU A 372 -18.14 -43.29 7.68
C GLU A 372 -19.51 -43.25 8.31
N ASP A 373 -20.23 -42.14 8.18
CA ASP A 373 -21.60 -42.04 8.68
C ASP A 373 -22.56 -42.83 7.79
N ASP A 374 -22.53 -42.58 6.49
CA ASP A 374 -23.38 -43.29 5.52
C ASP A 374 -22.45 -43.79 4.41
N PRO A 375 -21.82 -44.95 4.60
CA PRO A 375 -20.82 -45.44 3.67
C PRO A 375 -21.40 -46.15 2.45
N ALA A 376 -20.49 -46.68 1.63
CA ALA A 376 -20.88 -47.49 0.44
C ALA A 376 -21.56 -46.62 -0.61
N ASP A 377 -22.69 -46.02 -0.25
CA ASP A 377 -23.31 -45.04 -1.18
C ASP A 377 -22.82 -43.67 -0.72
N PRO A 378 -21.80 -43.07 -1.38
CA PRO A 378 -21.34 -41.74 -1.02
C PRO A 378 -21.99 -40.85 -2.08
N GLU A 379 -21.22 -39.98 -2.71
CA GLU A 379 -21.73 -39.19 -3.86
C GLU A 379 -22.75 -38.12 -3.46
N ASN A 380 -23.77 -38.44 -2.66
CA ASN A 380 -24.70 -37.35 -2.42
C ASN A 380 -24.27 -36.55 -1.22
N ALA A 381 -23.49 -37.21 -0.34
CA ALA A 381 -22.71 -36.51 0.68
C ALA A 381 -21.61 -35.66 0.06
N ILE A 382 -21.13 -36.01 -1.13
CA ILE A 382 -20.19 -35.13 -1.83
C ILE A 382 -20.91 -33.87 -2.30
N VAL A 383 -22.13 -34.03 -2.83
CA VAL A 383 -22.81 -32.87 -3.42
C VAL A 383 -23.44 -32.01 -2.34
N VAL A 384 -23.82 -32.57 -1.19
CA VAL A 384 -24.28 -31.73 -0.09
C VAL A 384 -23.14 -30.83 0.37
N LEU A 385 -21.93 -31.39 0.47
CA LEU A 385 -20.75 -30.58 0.73
C LEU A 385 -20.61 -29.47 -0.30
N CYS A 386 -20.48 -29.84 -1.59
CA CYS A 386 -20.24 -28.85 -2.63
C CYS A 386 -21.32 -27.77 -2.63
N ASP A 387 -22.59 -28.18 -2.54
CA ASP A 387 -23.71 -27.25 -2.63
C ASP A 387 -23.79 -26.33 -1.42
N ASP A 388 -23.35 -26.79 -0.25
CA ASP A 388 -23.30 -25.91 0.90
C ASP A 388 -22.01 -25.10 0.96
N LEU A 389 -21.06 -25.36 0.05
CA LEU A 389 -19.81 -24.62 -0.04
C LEU A 389 -19.73 -23.78 -1.31
N LYS A 390 -20.85 -23.19 -1.72
CA LYS A 390 -20.80 -22.18 -2.77
C LYS A 390 -20.76 -20.79 -2.16
N ASN A 391 -19.90 -19.97 -2.72
CA ASN A 391 -19.68 -18.60 -2.29
C ASN A 391 -19.45 -17.78 -3.53
N ASN A 392 -19.67 -16.48 -3.43
CA ASN A 392 -19.26 -15.62 -4.53
C ASN A 392 -17.79 -15.26 -4.45
N PHE A 393 -17.09 -15.74 -3.42
CA PHE A 393 -15.69 -15.44 -3.20
C PHE A 393 -14.79 -16.66 -3.27
N LYS A 394 -15.08 -17.70 -2.50
CA LYS A 394 -14.18 -18.84 -2.41
C LYS A 394 -14.30 -19.75 -3.63
N LYS A 395 -13.15 -20.29 -4.05
CA LYS A 395 -13.14 -21.31 -5.09
C LYS A 395 -13.81 -22.57 -4.60
N GLU A 396 -14.58 -23.17 -5.45
CA GLU A 396 -15.26 -24.39 -5.03
C GLU A 396 -14.39 -25.62 -5.29
N PRO A 397 -14.57 -26.69 -4.52
CA PRO A 397 -13.73 -27.88 -4.71
C PRO A 397 -14.00 -28.58 -6.02
N ILE A 398 -13.10 -29.49 -6.36
CA ILE A 398 -13.13 -30.25 -7.60
C ILE A 398 -13.71 -31.63 -7.29
N ARG A 399 -14.80 -31.98 -7.99
CA ARG A 399 -15.50 -33.23 -7.73
C ARG A 399 -14.59 -34.43 -7.86
N ASN A 400 -13.88 -34.55 -8.99
CA ASN A 400 -13.15 -35.78 -9.25
C ASN A 400 -12.08 -36.02 -8.20
N ILE A 401 -11.50 -34.96 -7.66
CA ILE A 401 -10.55 -35.10 -6.55
C ILE A 401 -11.24 -35.67 -5.32
N LEU A 402 -12.42 -35.14 -4.97
CA LEU A 402 -13.17 -35.67 -3.81
C LEU A 402 -13.58 -37.12 -4.04
N ARG A 403 -14.08 -37.42 -5.24
CA ARG A 403 -14.43 -38.78 -5.65
C ARG A 403 -13.25 -39.71 -5.41
N TYR A 404 -12.07 -39.32 -5.89
CA TYR A 404 -10.89 -40.16 -5.76
C TYR A 404 -10.48 -40.33 -4.30
N ILE A 405 -10.65 -39.29 -3.49
CA ILE A 405 -10.27 -39.35 -2.08
C ILE A 405 -11.22 -40.22 -1.27
N PHE A 406 -12.44 -40.45 -1.77
CA PHE A 406 -13.25 -41.53 -1.20
C PHE A 406 -12.50 -42.85 -1.25
N THR A 407 -11.80 -43.13 -2.35
CA THR A 407 -11.11 -44.39 -2.55
C THR A 407 -10.03 -44.66 -1.49
N ILE A 408 -9.52 -43.62 -0.83
CA ILE A 408 -8.44 -43.74 0.14
C ILE A 408 -8.81 -43.12 1.49
N ARG A 409 -10.11 -42.91 1.76
CA ARG A 409 -10.49 -42.47 3.11
C ARG A 409 -10.07 -43.45 4.20
N GLN A 410 -10.04 -44.76 3.90
CA GLN A 410 -9.79 -45.73 4.96
C GLN A 410 -8.37 -45.63 5.52
N GLU A 411 -7.43 -45.16 4.71
CA GLU A 411 -6.02 -45.12 5.09
C GLU A 411 -5.47 -43.71 5.24
N CYS A 412 -5.96 -42.75 4.47
CA CYS A 412 -5.50 -41.36 4.55
C CYS A 412 -6.56 -40.54 5.28
N SER A 413 -6.19 -39.98 6.43
CA SER A 413 -7.14 -39.19 7.20
C SER A 413 -7.32 -37.81 6.58
N ALA A 414 -8.46 -37.18 6.90
CA ALA A 414 -8.74 -35.84 6.40
C ALA A 414 -7.68 -34.85 6.90
N GLN A 415 -7.29 -34.98 8.17
CA GLN A 415 -6.16 -34.23 8.71
C GLN A 415 -4.97 -34.31 7.77
N ASP A 416 -4.55 -35.53 7.43
CA ASP A 416 -3.35 -35.73 6.65
C ASP A 416 -3.55 -35.37 5.18
N ILE A 417 -4.77 -35.50 4.66
CA ILE A 417 -5.03 -35.07 3.27
C ILE A 417 -4.87 -33.56 3.14
N LEU A 418 -5.46 -32.81 4.07
CA LEU A 418 -5.30 -31.37 4.04
C LEU A 418 -3.86 -30.97 4.31
N ALA A 419 -3.17 -31.70 5.19
CA ALA A 419 -1.75 -31.46 5.40
C ALA A 419 -0.96 -31.65 4.10
N ALA A 420 -1.29 -32.70 3.35
CA ALA A 420 -0.58 -32.96 2.09
C ALA A 420 -0.84 -31.85 1.07
N ALA A 421 -2.08 -31.38 0.96
CA ALA A 421 -2.38 -30.31 -0.01
C ALA A 421 -1.65 -29.01 0.37
N LYS A 422 -1.68 -28.66 1.65
CA LYS A 422 -0.94 -27.51 2.13
C LYS A 422 0.55 -27.65 1.84
N TYR A 423 1.10 -28.84 2.09
CA TYR A 423 2.49 -29.10 1.76
C TYR A 423 2.76 -28.87 0.28
N ASN A 424 1.86 -29.35 -0.57
CA ASN A 424 2.01 -29.19 -2.01
C ASN A 424 2.21 -27.72 -2.36
N GLN A 425 1.25 -26.88 -1.99
CA GLN A 425 1.34 -25.50 -2.46
C GLN A 425 2.45 -24.71 -1.75
N GLN A 426 2.72 -25.03 -0.48
CA GLN A 426 3.87 -24.43 0.18
C GLN A 426 5.17 -24.76 -0.53
N LEU A 427 5.36 -26.04 -0.89
CA LEU A 427 6.57 -26.44 -1.60
C LEU A 427 6.68 -25.70 -2.91
N ASP A 428 5.56 -25.57 -3.63
CA ASP A 428 5.57 -24.89 -4.92
C ASP A 428 6.02 -23.45 -4.77
N ARG A 429 5.41 -22.74 -3.82
CA ARG A 429 5.83 -21.37 -3.54
C ARG A 429 7.30 -21.32 -3.12
N TYR A 430 7.76 -22.32 -2.38
CA TYR A 430 9.13 -22.29 -1.88
C TYR A 430 10.14 -22.54 -3.00
N LYS A 431 9.87 -23.49 -3.93
CA LYS A 431 10.82 -23.56 -5.07
C LYS A 431 10.83 -22.27 -5.87
N SER A 432 9.68 -21.59 -5.97
CA SER A 432 9.66 -20.41 -6.82
C SER A 432 10.36 -19.20 -6.20
N GLN A 433 10.55 -19.21 -4.88
CA GLN A 433 10.97 -18.04 -4.12
C GLN A 433 12.36 -17.56 -4.55
N LYS A 434 12.51 -16.25 -4.73
CA LYS A 434 13.73 -15.66 -5.28
C LYS A 434 14.43 -14.75 -4.27
N ALA A 435 15.76 -14.82 -4.26
CA ALA A 435 16.58 -13.89 -3.50
C ALA A 435 16.71 -12.57 -4.27
N ASN A 436 17.18 -11.53 -3.57
CA ASN A 436 17.14 -10.17 -4.10
C ASN A 436 18.50 -9.76 -4.61
N PRO A 437 18.63 -9.42 -5.89
CA PRO A 437 19.93 -8.97 -6.41
C PRO A 437 20.22 -7.51 -6.09
N SER A 438 21.52 -7.21 -5.95
CA SER A 438 21.97 -5.84 -5.75
C SER A 438 22.22 -5.18 -7.09
N VAL A 439 21.58 -4.02 -7.28
CA VAL A 439 21.61 -3.29 -8.55
C VAL A 439 21.66 -1.80 -8.23
N LEU A 440 22.41 -1.04 -9.02
CA LEU A 440 22.63 0.37 -8.71
C LEU A 440 21.33 1.18 -8.71
N GLY A 441 20.48 0.96 -9.71
CA GLY A 441 19.22 1.67 -9.78
C GLY A 441 19.31 3.00 -10.50
N ASN A 442 18.18 3.72 -10.50
CA ASN A 442 18.02 4.92 -11.32
C ASN A 442 17.58 6.13 -10.50
N GLN A 443 17.86 6.16 -9.21
CA GLN A 443 17.51 7.31 -8.39
C GLN A 443 18.29 8.54 -8.83
N GLY A 444 17.66 9.71 -8.68
CA GLY A 444 18.29 10.96 -9.04
C GLY A 444 19.17 11.52 -7.94
N PHE A 445 19.75 12.69 -8.22
CA PHE A 445 20.70 13.33 -7.33
C PHE A 445 20.12 14.61 -6.75
N THR A 446 20.46 14.90 -5.50
CA THR A 446 19.88 16.01 -4.77
C THR A 446 20.89 17.14 -4.65
N TRP A 447 20.50 18.32 -5.12
CA TRP A 447 21.22 19.57 -4.86
C TRP A 447 20.66 20.18 -3.58
N THR A 448 21.56 20.57 -2.68
CA THR A 448 21.15 21.21 -1.44
C THR A 448 21.06 22.72 -1.66
N ASN A 449 20.10 23.35 -0.97
CA ASN A 449 19.89 24.80 -1.06
C ASN A 449 19.77 25.24 -2.52
N ALA A 450 18.89 24.57 -3.25
CA ALA A 450 18.86 24.70 -4.70
C ALA A 450 17.87 25.74 -5.20
N VAL A 451 16.81 26.02 -4.45
CA VAL A 451 15.73 26.89 -4.91
C VAL A 451 15.96 28.30 -4.39
N ILE A 452 15.82 29.29 -5.27
CA ILE A 452 15.81 30.67 -4.82
C ILE A 452 14.66 30.86 -3.86
N LEU A 453 14.96 31.43 -2.70
CA LEU A 453 13.94 31.62 -1.67
C LEU A 453 12.85 32.55 -2.19
N PRO A 454 11.59 32.30 -1.84
CA PRO A 454 10.50 33.10 -2.43
C PRO A 454 10.60 34.59 -2.17
N GLU A 455 11.13 35.00 -1.02
CA GLU A 455 11.28 36.43 -0.75
C GLU A 455 12.43 37.06 -1.51
N LYS A 456 13.38 36.27 -1.97
CA LYS A 456 14.52 36.75 -2.75
C LYS A 456 14.37 36.49 -4.23
N ALA A 457 13.18 36.08 -4.68
CA ALA A 457 12.98 35.70 -6.06
C ALA A 457 13.03 36.91 -6.98
N GLN A 458 13.44 36.67 -8.22
CA GLN A 458 13.49 37.67 -9.28
C GLN A 458 12.19 37.55 -10.08
N ARG A 459 11.25 38.47 -9.85
CA ARG A 459 9.93 38.40 -10.45
C ARG A 459 9.78 39.48 -11.51
N ASN A 460 9.48 39.06 -12.74
CA ASN A 460 9.14 39.98 -13.82
C ASN A 460 7.62 40.06 -13.93
N ASP A 461 7.02 40.64 -12.89
CA ASP A 461 5.56 40.65 -12.75
C ASP A 461 4.95 41.73 -13.63
N ARG A 462 4.11 41.32 -14.54
CA ARG A 462 3.31 42.25 -15.33
C ARG A 462 1.97 42.49 -14.62
N PRO A 463 1.38 43.68 -14.79
CA PRO A 463 0.13 43.98 -14.08
C PRO A 463 -1.00 43.01 -14.40
N ASN A 464 -0.99 42.39 -15.58
CA ASN A 464 -2.01 41.42 -15.94
C ASN A 464 -1.44 40.02 -16.14
N SER A 465 -0.24 39.75 -15.62
CA SER A 465 0.34 38.41 -15.70
C SER A 465 1.48 38.30 -14.69
N LEU A 466 1.32 37.42 -13.71
CA LEU A 466 2.37 37.19 -12.72
C LEU A 466 3.50 36.35 -13.31
N ASP A 467 4.71 36.62 -12.85
CA ASP A 467 5.87 35.78 -13.19
C ASP A 467 5.69 34.41 -12.54
N LEU A 468 5.54 33.38 -13.35
CA LEU A 468 5.23 32.03 -12.87
C LEU A 468 6.46 31.14 -12.76
N ARG A 469 7.66 31.69 -12.94
CA ARG A 469 8.88 30.89 -12.94
C ARG A 469 9.42 30.72 -11.53
N ILE A 470 10.00 29.55 -11.27
CA ILE A 470 10.76 29.27 -10.07
C ILE A 470 12.16 28.87 -10.51
N TRP A 471 13.17 29.55 -9.98
CA TRP A 471 14.55 29.38 -10.44
C TRP A 471 15.35 28.56 -9.45
N LEU A 472 16.07 27.58 -9.97
CA LEU A 472 17.12 26.86 -9.25
C LEU A 472 18.46 27.56 -9.49
N TYR A 473 19.33 27.47 -8.49
CA TYR A 473 20.69 27.99 -8.56
C TYR A 473 21.61 26.81 -8.27
N LEU A 474 21.98 26.08 -9.31
CA LEU A 474 22.64 24.79 -9.19
C LEU A 474 24.11 24.89 -9.55
N LYS A 475 24.96 24.19 -8.80
CA LYS A 475 26.34 24.03 -9.18
C LYS A 475 26.44 22.97 -10.28
N LEU A 476 27.09 23.31 -11.38
CA LEU A 476 27.28 22.45 -12.52
C LEU A 476 28.76 22.37 -12.85
N ARG A 477 29.18 21.23 -13.38
CA ARG A 477 30.58 20.95 -13.68
C ARG A 477 30.83 21.18 -15.17
N HIS A 478 31.82 22.03 -15.46
CA HIS A 478 32.18 22.38 -16.82
C HIS A 478 33.16 21.38 -17.39
N PRO A 479 33.36 21.38 -18.72
CA PRO A 479 34.29 20.40 -19.31
C PRO A 479 35.71 20.49 -18.79
N ASP A 480 36.17 21.67 -18.38
CA ASP A 480 37.50 21.77 -17.77
C ASP A 480 37.55 21.16 -16.38
N GLY A 481 36.40 20.86 -15.79
CA GLY A 481 36.35 20.25 -14.46
C GLY A 481 36.01 21.20 -13.33
N ARG A 482 35.76 22.47 -13.61
CA ARG A 482 35.44 23.43 -12.58
C ARG A 482 33.93 23.49 -12.34
N TRP A 483 33.57 23.85 -11.12
CA TRP A 483 32.18 23.98 -10.73
C TRP A 483 31.77 25.45 -10.78
N LYS A 484 30.52 25.68 -11.18
CA LYS A 484 30.00 27.04 -11.24
C LYS A 484 28.48 26.98 -11.13
N LYS A 485 27.89 27.96 -10.46
CA LYS A 485 26.45 27.95 -10.24
C LYS A 485 25.74 28.67 -11.36
N HIS A 486 24.59 28.12 -11.77
CA HIS A 486 23.82 28.61 -12.89
C HIS A 486 22.35 28.62 -12.51
N HIS A 487 21.60 29.49 -13.18
CA HIS A 487 20.17 29.68 -12.92
C HIS A 487 19.36 28.90 -13.95
N ILE A 488 18.44 28.06 -13.47
CA ILE A 488 17.61 27.24 -14.34
C ILE A 488 16.15 27.32 -13.90
N PRO A 489 15.21 27.69 -14.77
CA PRO A 489 13.83 27.88 -14.34
C PRO A 489 12.96 26.64 -14.54
N PHE A 490 11.81 26.65 -13.85
CA PHE A 490 10.78 25.64 -14.07
C PHE A 490 9.43 26.22 -13.66
N TYR A 491 8.37 25.52 -14.07
CA TYR A 491 6.99 25.95 -13.82
C TYR A 491 6.27 24.88 -13.01
N ASP A 492 5.55 25.32 -11.96
CA ASP A 492 4.68 24.44 -11.20
C ASP A 492 3.64 25.35 -10.53
N THR A 493 2.45 25.46 -11.13
CA THR A 493 1.45 26.36 -10.56
C THR A 493 0.94 25.88 -9.21
N ARG A 494 1.08 24.58 -8.91
CA ARG A 494 0.75 24.12 -7.57
C ARG A 494 1.77 24.64 -6.56
N PHE A 495 3.06 24.52 -6.88
CA PHE A 495 4.10 25.05 -6.01
C PHE A 495 3.99 26.56 -5.91
N PHE A 496 3.69 27.23 -7.03
CA PHE A 496 3.47 28.67 -7.02
C PHE A 496 2.30 29.05 -6.12
N GLN A 497 1.18 28.32 -6.23
CA GLN A 497 -0.01 28.64 -5.44
C GLN A 497 0.20 28.40 -3.96
N GLU A 498 0.81 27.26 -3.61
CA GLU A 498 0.87 26.88 -2.20
C GLU A 498 1.99 27.58 -1.46
N ILE A 499 3.13 27.84 -2.12
CA ILE A 499 4.29 28.40 -1.43
C ILE A 499 4.87 29.64 -2.10
N TYR A 500 5.14 29.55 -3.41
CA TYR A 500 6.13 30.45 -4.00
C TYR A 500 5.60 31.85 -4.30
N ALA A 501 4.33 32.00 -4.65
CA ALA A 501 3.81 33.33 -4.94
C ALA A 501 3.91 34.22 -3.70
N ALA A 502 4.22 35.49 -3.92
CA ALA A 502 4.42 36.41 -2.82
C ALA A 502 3.09 36.77 -2.18
N GLY A 503 2.94 36.46 -0.90
CA GLY A 503 1.73 36.80 -0.17
C GLY A 503 1.80 38.18 0.43
N ASN A 504 0.64 38.84 0.50
CA ASN A 504 0.53 40.22 0.97
C ASN A 504 -0.66 40.39 1.92
N SER A 505 -0.81 39.47 2.88
CA SER A 505 -1.98 39.45 3.76
C SER A 505 -1.67 40.07 5.10
N PRO A 506 -2.53 40.97 5.58
CA PRO A 506 -2.35 41.50 6.95
C PRO A 506 -2.41 40.44 8.04
N VAL A 507 -3.33 39.48 7.94
CA VAL A 507 -3.49 38.48 8.99
C VAL A 507 -3.49 37.04 8.49
N ASP A 508 -3.79 36.78 7.22
CA ASP A 508 -3.79 35.39 6.76
C ASP A 508 -2.38 34.82 6.82
N THR A 509 -2.26 33.66 7.47
CA THR A 509 -0.96 33.04 7.73
C THR A 509 -1.18 31.54 7.85
N CYS A 510 -0.68 30.78 6.89
CA CYS A 510 -0.96 29.35 6.84
C CYS A 510 0.26 28.62 6.26
N GLN A 511 0.26 27.30 6.47
CA GLN A 511 1.39 26.47 6.05
C GLN A 511 1.40 26.26 4.54
N PHE A 512 0.26 25.90 3.97
CA PHE A 512 0.14 25.68 2.54
C PHE A 512 -1.17 26.31 2.07
N ARG A 513 -1.10 27.08 1.00
CA ARG A 513 -2.26 27.82 0.50
C ARG A 513 -3.09 26.89 -0.37
N THR A 514 -3.81 25.99 0.29
CA THR A 514 -4.63 24.98 -0.37
C THR A 514 -5.80 24.65 0.54
N PRO A 515 -6.95 24.26 -0.02
CA PRO A 515 -8.16 24.09 0.82
C PRO A 515 -8.00 23.16 2.02
N ARG A 516 -7.34 22.02 1.87
CA ARG A 516 -7.23 21.09 2.99
C ARG A 516 -6.38 21.67 4.13
N PHE A 517 -5.54 22.65 3.84
CA PHE A 517 -4.80 23.36 4.87
C PHE A 517 -5.44 24.69 5.24
N GLY A 518 -6.68 24.92 4.78
CA GLY A 518 -7.50 25.99 5.30
C GLY A 518 -7.65 27.24 4.44
N TYR A 519 -7.12 27.25 3.22
CA TYR A 519 -7.15 28.44 2.39
C TYR A 519 -7.87 28.18 1.07
N HIS A 520 -8.80 29.07 0.73
CA HIS A 520 -9.54 29.01 -0.53
C HIS A 520 -9.23 30.25 -1.35
N LEU A 521 -8.80 30.03 -2.60
CA LEU A 521 -8.53 31.14 -3.50
C LEU A 521 -9.84 31.85 -3.87
N PRO A 522 -9.80 33.16 -4.06
CA PRO A 522 -11.00 33.88 -4.51
C PRO A 522 -11.41 33.46 -5.92
N LYS A 523 -12.70 33.56 -6.19
CA LYS A 523 -13.25 33.12 -7.47
C LYS A 523 -13.03 34.17 -8.56
N LEU A 524 -12.92 33.68 -9.80
CA LEU A 524 -12.79 34.55 -10.95
C LEU A 524 -14.13 35.24 -11.25
N THR A 525 -14.07 36.26 -12.09
CA THR A 525 -15.20 37.15 -12.29
C THR A 525 -15.36 37.42 -13.78
N ASP A 526 -16.35 38.25 -14.14
CA ASP A 526 -16.54 38.61 -15.53
C ASP A 526 -15.53 39.63 -16.02
N GLN A 527 -14.82 40.28 -15.10
CA GLN A 527 -13.77 41.24 -15.43
C GLN A 527 -12.37 40.61 -15.36
N THR A 528 -12.29 39.29 -15.50
CA THR A 528 -11.02 38.57 -15.39
C THR A 528 -10.30 38.49 -16.73
N ALA A 529 -11.00 38.15 -17.79
CA ALA A 529 -10.52 38.25 -19.18
C ALA A 529 -9.25 37.42 -19.40
N ILE A 530 -9.41 36.11 -19.30
CA ILE A 530 -8.32 35.19 -19.65
C ILE A 530 -8.34 34.94 -21.15
N ARG A 531 -7.20 35.14 -21.79
CA ARG A 531 -7.03 34.82 -23.21
C ARG A 531 -5.62 34.27 -23.40
N VAL A 532 -5.50 32.94 -23.42
CA VAL A 532 -4.24 32.24 -23.59
C VAL A 532 -4.47 31.10 -24.59
N ASN A 533 -3.38 30.40 -24.91
CA ASN A 533 -3.51 29.16 -25.66
C ASN A 533 -4.39 28.19 -24.89
N LYS A 534 -5.17 27.38 -25.62
CA LYS A 534 -6.13 26.53 -24.94
C LYS A 534 -5.46 25.57 -23.96
N LYS A 535 -4.36 24.96 -24.39
CA LYS A 535 -3.62 23.99 -23.60
C LYS A 535 -2.98 24.59 -22.38
N HIS A 536 -3.32 25.84 -22.07
CA HIS A 536 -2.81 26.51 -20.88
C HIS A 536 -3.90 27.13 -20.02
N VAL A 537 -5.19 26.95 -20.31
CA VAL A 537 -6.19 27.77 -19.64
C VAL A 537 -6.27 27.43 -18.16
N LYS A 538 -6.25 26.14 -17.84
CA LYS A 538 -6.40 25.74 -16.45
C LYS A 538 -5.29 26.32 -15.58
N ALA A 539 -4.03 26.07 -15.98
CA ALA A 539 -2.92 26.74 -15.31
C ALA A 539 -3.15 28.24 -15.27
N ALA A 540 -3.55 28.82 -16.40
CA ALA A 540 -3.80 30.26 -16.44
C ALA A 540 -4.83 30.65 -15.39
N LYS A 541 -5.91 29.87 -15.28
CA LYS A 541 -6.93 30.18 -14.29
C LYS A 541 -6.32 30.28 -12.90
N THR A 542 -5.48 29.31 -12.54
CA THR A 542 -4.85 29.36 -11.23
C THR A 542 -4.06 30.66 -11.08
N GLU A 543 -3.25 30.99 -12.09
CA GLU A 543 -2.50 32.24 -12.05
C GLU A 543 -3.44 33.41 -11.79
N ALA A 544 -4.53 33.47 -12.56
CA ALA A 544 -5.45 34.59 -12.42
C ALA A 544 -5.96 34.67 -10.98
N ARG A 545 -6.35 33.53 -10.42
CA ARG A 545 -6.92 33.55 -9.08
C ARG A 545 -5.90 34.01 -8.05
N ILE A 546 -4.61 33.73 -8.28
CA ILE A 546 -3.60 34.25 -7.38
C ILE A 546 -3.45 35.75 -7.56
N ARG A 547 -3.42 36.21 -8.82
CA ARG A 547 -3.28 37.64 -9.09
C ARG A 547 -4.35 38.43 -8.35
N LEU A 548 -5.62 38.03 -8.54
CA LEU A 548 -6.73 38.65 -7.85
C LEU A 548 -6.49 38.70 -6.34
N ALA A 549 -6.05 37.57 -5.77
CA ALA A 549 -5.86 37.52 -4.33
C ALA A 549 -4.81 38.52 -3.88
N ILE A 550 -3.72 38.66 -4.65
CA ILE A 550 -2.71 39.67 -4.32
C ILE A 550 -3.28 41.05 -4.55
N GLN A 551 -4.12 41.19 -5.58
CA GLN A 551 -4.79 42.46 -5.87
C GLN A 551 -5.71 42.89 -4.73
N GLN A 552 -6.33 41.93 -4.05
CA GLN A 552 -7.21 42.20 -2.92
C GLN A 552 -6.46 42.30 -1.59
N GLY A 553 -5.15 42.14 -1.58
CA GLY A 553 -4.42 42.04 -0.33
C GLY A 553 -4.86 40.85 0.51
N THR A 554 -5.25 39.75 -0.14
CA THR A 554 -5.88 38.62 0.51
C THR A 554 -5.01 37.37 0.50
N LEU A 555 -3.96 37.33 -0.33
CA LEU A 555 -3.13 36.13 -0.40
C LEU A 555 -2.30 35.98 0.87
N PRO A 556 -2.46 34.89 1.61
CA PRO A 556 -1.64 34.68 2.80
C PRO A 556 -0.17 34.50 2.45
N VAL A 557 0.68 34.83 3.40
CA VAL A 557 2.10 34.53 3.33
C VAL A 557 2.39 33.27 4.14
N SER A 558 3.22 32.39 3.57
CA SER A 558 3.59 31.14 4.22
C SER A 558 4.22 31.39 5.58
N ASN A 559 3.78 30.64 6.59
CA ASN A 559 4.38 30.70 7.91
C ASN A 559 5.45 29.64 8.13
N LEU A 560 5.97 29.05 7.04
CA LEU A 560 6.82 27.89 7.13
C LEU A 560 8.26 28.22 7.56
N LYS A 561 8.71 29.46 7.36
CA LYS A 561 10.06 29.88 7.72
C LYS A 561 11.10 29.02 6.99
N ILE A 562 11.02 29.03 5.67
CA ILE A 562 11.93 28.24 4.85
C ILE A 562 13.25 28.98 4.69
N THR A 563 14.35 28.29 5.02
CA THR A 563 15.68 28.84 4.83
C THR A 563 16.45 28.19 3.70
N GLU A 564 16.10 26.96 3.32
CA GLU A 564 16.76 26.27 2.22
C GLU A 564 15.81 25.21 1.67
N ILE A 565 15.80 25.06 0.35
CA ILE A 565 15.00 24.05 -0.32
C ILE A 565 15.91 23.24 -1.22
N SER A 566 15.85 21.92 -1.09
CA SER A 566 16.62 21.03 -1.94
C SER A 566 15.86 20.71 -3.22
N ALA A 567 16.59 20.22 -4.21
CA ALA A 567 15.98 19.81 -5.47
C ALA A 567 16.62 18.51 -5.95
N THR A 568 15.81 17.50 -6.18
CA THR A 568 16.28 16.23 -6.70
C THR A 568 15.98 16.16 -8.20
N ILE A 569 17.00 15.85 -8.98
CA ILE A 569 16.94 15.90 -10.44
C ILE A 569 17.51 14.60 -10.99
N ASN A 570 16.86 14.08 -12.05
CA ASN A 570 17.32 12.89 -12.75
C ASN A 570 17.79 13.26 -14.16
N SER A 571 18.20 12.23 -14.90
CA SER A 571 18.74 12.44 -16.24
C SER A 571 17.68 12.93 -17.23
N LYS A 572 16.40 12.80 -16.90
CA LYS A 572 15.30 13.24 -17.77
C LYS A 572 14.94 14.71 -17.59
N GLY A 573 15.61 15.43 -16.69
CA GLY A 573 15.27 16.81 -16.41
C GLY A 573 14.14 16.99 -15.43
N GLN A 574 13.58 15.92 -14.89
CA GLN A 574 12.52 16.03 -13.90
C GLN A 574 13.10 16.50 -12.56
N VAL A 575 12.37 17.40 -11.90
CA VAL A 575 12.81 17.98 -10.64
C VAL A 575 11.77 17.68 -9.57
N ARG A 576 12.24 17.24 -8.40
CA ARG A 576 11.39 16.98 -7.24
C ARG A 576 11.82 17.89 -6.11
N ILE A 577 10.85 18.55 -5.47
CA ILE A 577 11.11 19.49 -4.39
C ILE A 577 10.43 19.03 -3.10
N PRO A 578 11.18 18.63 -2.08
CA PRO A 578 10.55 18.30 -0.79
C PRO A 578 10.44 19.52 0.11
N VAL A 579 9.35 19.57 0.88
CA VAL A 579 9.12 20.61 1.86
C VAL A 579 8.74 19.95 3.18
N LYS A 580 9.61 20.06 4.18
CA LYS A 580 9.35 19.56 5.52
C LYS A 580 8.68 20.65 6.35
N PHE A 581 7.63 20.27 7.07
CA PHE A 581 6.87 21.22 7.87
C PHE A 581 6.44 20.58 9.18
N ASP A 582 6.44 21.38 10.23
CA ASP A 582 6.01 20.91 11.55
C ASP A 582 4.50 20.79 11.59
N VAL A 583 4.02 19.67 12.11
CA VAL A 583 2.59 19.45 12.26
C VAL A 583 2.12 19.63 13.69
N GLY A 584 3.03 19.63 14.65
CA GLY A 584 2.64 19.96 16.00
C GLY A 584 3.14 18.92 16.97
N ARG A 585 2.74 19.08 18.22
CA ARG A 585 3.32 18.27 19.26
C ARG A 585 2.73 16.88 19.31
N GLN A 586 3.61 15.89 19.49
CA GLN A 586 3.25 14.49 19.55
C GLN A 586 2.22 14.26 20.66
N LYS A 587 1.08 13.69 20.29
CA LYS A 587 -0.03 13.54 21.22
C LYS A 587 0.26 12.43 22.23
N GLY A 588 -0.24 12.62 23.45
CA GLY A 588 -0.20 11.60 24.47
C GLY A 588 -1.38 10.66 24.35
N THR A 589 -1.61 9.89 25.41
CA THR A 589 -2.73 8.96 25.43
C THR A 589 -4.06 9.72 25.44
N LEU A 590 -5.12 9.02 25.07
CA LEU A 590 -6.48 9.55 25.15
C LEU A 590 -6.80 10.21 26.48
N GLN A 591 -7.36 11.42 26.39
CA GLN A 591 -7.91 12.10 27.56
C GLN A 591 -9.35 12.48 27.23
N ILE A 592 -10.07 12.92 28.26
CA ILE A 592 -11.42 13.43 28.08
C ILE A 592 -11.40 14.62 27.13
N GLY A 593 -12.30 14.60 26.14
CA GLY A 593 -12.36 15.62 25.11
C GLY A 593 -11.72 15.21 23.80
N ASP A 594 -10.82 14.23 23.83
CA ASP A 594 -10.25 13.70 22.59
C ASP A 594 -11.33 12.99 21.79
N ARG A 595 -11.35 13.25 20.49
CA ARG A 595 -12.30 12.62 19.58
C ARG A 595 -11.55 11.68 18.64
N PHE A 596 -12.15 10.52 18.39
CA PHE A 596 -11.57 9.52 17.51
C PHE A 596 -12.61 9.09 16.49
N CYS A 597 -12.16 8.31 15.52
CA CYS A 597 -13.05 7.86 14.46
C CYS A 597 -12.54 6.55 13.88
N GLY A 598 -13.47 5.84 13.24
CA GLY A 598 -13.14 4.65 12.49
C GLY A 598 -13.78 4.73 11.12
N TYR A 599 -13.21 3.98 10.17
CA TYR A 599 -13.86 3.98 8.86
C TYR A 599 -13.94 2.58 8.27
N ASP A 600 -15.00 2.36 7.48
CA ASP A 600 -15.32 1.09 6.86
C ASP A 600 -15.25 1.23 5.35
N GLN A 601 -14.56 0.28 4.71
CA GLN A 601 -14.42 0.25 3.26
C GLN A 601 -15.40 -0.77 2.67
N ASN A 602 -16.08 -0.35 1.63
CA ASN A 602 -16.97 -1.19 0.84
C ASN A 602 -16.66 -1.05 -0.62
N GLN A 603 -17.19 -1.87 -1.48
CA GLN A 603 -16.90 -1.71 -2.90
C GLN A 603 -18.11 -1.29 -3.73
N THR A 604 -19.31 -1.78 -3.43
CA THR A 604 -20.49 -1.35 -4.16
C THR A 604 -21.27 -0.24 -3.45
N ALA A 605 -20.91 0.10 -2.21
CA ALA A 605 -21.50 1.22 -1.49
C ALA A 605 -20.40 2.17 -1.06
N SER A 606 -20.81 3.33 -0.55
CA SER A 606 -19.85 4.32 -0.09
C SER A 606 -19.08 3.81 1.12
N HIS A 607 -17.87 4.32 1.28
CA HIS A 607 -17.15 4.13 2.53
C HIS A 607 -17.83 4.93 3.63
N ALA A 608 -17.73 4.43 4.86
CA ALA A 608 -18.42 5.05 5.99
C ALA A 608 -17.42 5.47 7.05
N TYR A 609 -17.75 6.54 7.76
CA TYR A 609 -16.98 7.00 8.90
C TYR A 609 -17.88 7.10 10.13
N SER A 610 -17.28 6.86 11.29
CA SER A 610 -17.95 6.96 12.59
C SER A 610 -17.08 7.77 13.53
N LEU A 611 -17.65 8.82 14.12
CA LEU A 611 -16.96 9.77 14.97
C LEU A 611 -17.48 9.68 16.39
N TRP A 612 -16.54 9.56 17.34
CA TRP A 612 -16.75 9.28 18.75
C TRP A 612 -15.93 10.25 19.59
N GLU A 613 -16.31 10.40 20.86
CA GLU A 613 -15.64 11.32 21.76
C GLU A 613 -15.45 10.67 23.13
N VAL A 614 -14.29 10.93 23.75
CA VAL A 614 -14.02 10.49 25.12
C VAL A 614 -14.64 11.50 26.08
N VAL A 615 -15.39 11.00 27.06
CA VAL A 615 -16.18 11.85 27.93
C VAL A 615 -15.95 11.52 29.40
N LYS A 616 -16.33 12.47 30.23
CA LYS A 616 -16.15 12.39 31.67
C LYS A 616 -17.16 11.44 32.29
N GLU A 617 -18.43 11.49 31.87
CA GLU A 617 -19.48 10.63 32.38
C GLU A 617 -20.25 10.03 31.20
N GLY A 618 -20.79 8.83 31.41
CA GLY A 618 -21.64 8.23 30.39
C GLY A 618 -21.35 6.78 30.13
N GLN A 619 -21.20 6.43 28.85
CA GLN A 619 -21.09 5.05 28.43
C GLN A 619 -19.66 4.56 28.64
N TYR A 620 -19.48 3.59 29.53
CA TYR A 620 -18.16 3.01 29.73
C TYR A 620 -17.88 1.96 28.66
N HIS A 621 -16.66 1.99 28.13
CA HIS A 621 -16.14 0.93 27.27
C HIS A 621 -14.95 0.31 27.96
N LYS A 622 -15.01 -1.02 28.13
CA LYS A 622 -13.99 -1.79 28.80
C LYS A 622 -12.71 -1.88 27.97
N GLU A 623 -12.85 -2.16 26.67
CA GLU A 623 -11.69 -2.32 25.80
C GLU A 623 -10.89 -1.02 25.71
N LEU A 624 -11.56 0.11 25.79
CA LEU A 624 -10.93 1.42 25.79
C LEU A 624 -10.60 1.91 27.20
N GLY A 625 -11.22 1.32 28.21
CA GLY A 625 -11.03 1.76 29.58
C GLY A 625 -11.45 3.20 29.81
N CYS A 626 -12.58 3.61 29.23
CA CYS A 626 -12.98 5.01 29.40
C CYS A 626 -14.42 5.19 28.97
N PHE A 627 -14.96 6.38 29.24
CA PHE A 627 -16.31 6.72 28.83
C PHE A 627 -16.27 7.37 27.44
N VAL A 628 -17.15 6.88 26.57
CA VAL A 628 -17.20 7.31 25.18
C VAL A 628 -18.61 7.78 24.85
N ARG A 629 -18.70 8.63 23.83
CA ARG A 629 -19.97 9.16 23.35
C ARG A 629 -19.94 9.21 21.84
N PHE A 630 -20.98 8.69 21.20
CA PHE A 630 -21.07 8.70 19.75
C PHE A 630 -21.44 10.09 19.26
N ILE A 631 -20.68 10.59 18.29
CA ILE A 631 -20.93 11.92 17.75
C ILE A 631 -21.77 11.80 16.49
N SER A 632 -21.23 11.16 15.45
CA SER A 632 -22.00 11.09 14.21
C SER A 632 -21.34 10.14 13.23
N SER A 633 -22.13 9.69 12.26
CA SER A 633 -21.65 8.79 11.22
C SER A 633 -22.03 9.36 9.85
N GLY A 634 -21.32 8.92 8.83
CA GLY A 634 -21.60 9.44 7.51
C GLY A 634 -20.96 8.62 6.41
N ASP A 635 -21.33 8.96 5.18
CA ASP A 635 -20.76 8.36 3.99
C ASP A 635 -19.59 9.20 3.51
N ILE A 636 -18.55 8.55 3.02
CA ILE A 636 -17.37 9.24 2.51
C ILE A 636 -17.61 9.60 1.06
N VAL A 637 -17.47 10.89 0.76
CA VAL A 637 -18.06 11.51 -0.41
C VAL A 637 -17.10 12.57 -0.95
N SER A 638 -17.08 12.75 -2.27
CA SER A 638 -16.26 13.77 -2.91
C SER A 638 -17.09 14.35 -4.06
N ILE A 639 -17.69 15.52 -3.83
CA ILE A 639 -18.73 16.07 -4.69
C ILE A 639 -18.17 17.23 -5.50
N THR A 640 -18.45 17.23 -6.80
CA THR A 640 -18.23 18.39 -7.66
C THR A 640 -19.53 18.76 -8.35
N GLU A 641 -19.60 20.00 -8.81
CA GLU A 641 -20.83 20.56 -9.35
C GLU A 641 -20.72 20.86 -10.83
N ASN A 642 -21.84 20.67 -11.53
CA ASN A 642 -22.00 21.02 -12.94
C ASN A 642 -23.23 21.91 -13.03
N ARG A 643 -23.00 23.22 -13.22
CA ARG A 643 -24.07 24.21 -13.36
C ARG A 643 -25.13 24.04 -12.29
N GLY A 644 -24.68 23.94 -11.03
CA GLY A 644 -25.55 23.84 -9.90
C GLY A 644 -25.83 22.43 -9.42
N ASN A 645 -25.69 21.42 -10.28
CA ASN A 645 -26.05 20.06 -9.93
C ASN A 645 -24.87 19.33 -9.31
N GLN A 646 -25.13 18.59 -8.24
CA GLN A 646 -24.08 17.92 -7.49
C GLN A 646 -23.86 16.50 -8.01
N PHE A 647 -22.60 16.06 -8.01
CA PHE A 647 -22.26 14.69 -8.34
C PHE A 647 -21.19 14.21 -7.37
N ASP A 648 -21.41 13.04 -6.78
CA ASP A 648 -20.42 12.37 -5.96
C ASP A 648 -19.57 11.50 -6.88
N GLN A 649 -18.34 11.94 -7.13
CA GLN A 649 -17.46 11.23 -8.07
C GLN A 649 -17.20 9.80 -7.64
N LEU A 650 -17.23 9.53 -6.32
CA LEU A 650 -16.91 8.20 -5.83
C LEU A 650 -18.03 7.19 -6.07
N SER A 651 -19.27 7.64 -6.26
CA SER A 651 -20.39 6.71 -6.30
C SER A 651 -21.40 6.94 -7.41
N TYR A 652 -21.29 7.99 -8.22
CA TYR A 652 -22.30 8.27 -9.24
C TYR A 652 -22.43 7.11 -10.22
N GLU A 653 -23.66 6.63 -10.38
CA GLU A 653 -23.93 5.48 -11.23
C GLU A 653 -24.39 5.84 -12.63
N GLY A 654 -24.45 7.12 -12.97
CA GLY A 654 -24.88 7.53 -14.28
C GLY A 654 -26.39 7.75 -14.36
N LEU A 655 -26.81 8.20 -15.55
CA LEU A 655 -28.21 8.56 -15.76
C LEU A 655 -29.13 7.37 -15.53
N ALA A 656 -30.31 7.64 -14.99
CA ALA A 656 -31.33 6.61 -14.86
C ALA A 656 -31.82 6.20 -16.24
N TYR A 657 -32.44 5.02 -16.29
CA TYR A 657 -32.89 4.38 -17.52
C TYR A 657 -33.67 5.34 -18.42
N PRO A 658 -34.79 5.92 -17.97
CA PRO A 658 -35.59 6.75 -18.90
C PRO A 658 -34.81 7.90 -19.49
N GLN A 659 -33.67 8.24 -18.91
CA GLN A 659 -32.89 9.39 -19.32
C GLN A 659 -31.90 9.11 -20.44
N TYR A 660 -31.67 7.85 -20.81
CA TYR A 660 -30.69 7.59 -21.87
C TYR A 660 -31.30 6.72 -22.98
N ALA A 661 -32.49 7.10 -23.44
CA ALA A 661 -33.15 6.34 -24.50
C ALA A 661 -32.34 6.36 -25.79
N ASP A 662 -31.98 7.56 -26.27
CA ASP A 662 -31.32 7.68 -27.56
C ASP A 662 -30.09 6.78 -27.64
N TRP A 663 -29.20 6.91 -26.66
CA TRP A 663 -28.03 6.04 -26.55
C TRP A 663 -28.44 4.58 -26.67
N ARG A 664 -29.33 4.14 -25.77
CA ARG A 664 -29.83 2.76 -25.79
C ARG A 664 -30.28 2.40 -27.19
N LYS A 665 -31.06 3.29 -27.80
CA LYS A 665 -31.64 3.05 -29.11
C LYS A 665 -30.57 2.66 -30.12
N LYS A 666 -29.48 3.44 -30.19
CA LYS A 666 -28.46 3.17 -31.19
C LYS A 666 -27.88 1.78 -30.97
N ALA A 667 -27.58 1.45 -29.70
CA ALA A 667 -27.12 0.10 -29.39
C ALA A 667 -28.12 -0.93 -29.89
N SER A 668 -29.40 -0.72 -29.56
CA SER A 668 -30.45 -1.62 -30.04
C SER A 668 -30.37 -1.75 -31.54
N LYS A 669 -30.28 -0.62 -32.25
CA LYS A 669 -30.28 -0.68 -33.71
C LYS A 669 -29.13 -1.54 -34.21
N PHE A 670 -27.96 -1.40 -33.59
CA PHE A 670 -26.83 -2.22 -34.03
C PHE A 670 -27.08 -3.68 -33.74
N VAL A 671 -27.59 -4.00 -32.55
CA VAL A 671 -27.60 -5.39 -32.13
C VAL A 671 -28.65 -6.19 -32.87
N SER A 672 -29.67 -5.52 -33.41
CA SER A 672 -30.63 -6.21 -34.28
C SER A 672 -29.97 -6.74 -35.53
N LEU A 673 -28.87 -6.13 -35.97
CA LEU A 673 -28.24 -6.49 -37.22
C LEU A 673 -27.33 -7.72 -37.12
N TRP A 674 -27.11 -8.26 -35.93
CA TRP A 674 -26.07 -9.26 -35.72
C TRP A 674 -26.56 -10.45 -34.90
N GLN A 675 -25.80 -11.54 -35.01
CA GLN A 675 -26.12 -12.76 -34.23
C GLN A 675 -24.86 -13.16 -33.44
N ILE A 676 -24.95 -14.13 -32.58
CA ILE A 676 -23.81 -14.54 -31.84
C ILE A 676 -23.57 -15.94 -32.22
N THR A 677 -22.34 -16.27 -32.56
CA THR A 677 -21.99 -17.61 -32.97
C THR A 677 -21.19 -18.34 -31.91
N LYS A 678 -21.23 -19.76 -32.09
CA LYS A 678 -20.67 -20.51 -31.00
C LYS A 678 -20.45 -21.92 -31.53
N LYS A 679 -19.45 -22.62 -30.98
CA LYS A 679 -19.11 -23.95 -31.48
C LYS A 679 -19.67 -25.05 -30.59
N ASN A 680 -20.35 -25.98 -31.22
CA ASN A 680 -21.04 -27.08 -30.57
C ASN A 680 -20.00 -28.19 -30.32
N LYS A 681 -20.18 -29.04 -29.26
CA LYS A 681 -19.23 -30.15 -28.84
C LYS A 681 -18.78 -30.85 -30.11
N LYS A 682 -19.70 -31.62 -30.64
CA LYS A 682 -19.60 -31.84 -32.06
C LYS A 682 -19.42 -30.51 -32.73
N LYS A 683 -18.27 -30.28 -33.36
CA LYS A 683 -18.07 -28.96 -33.94
C LYS A 683 -19.07 -28.69 -35.06
N GLU A 684 -19.83 -27.63 -34.83
CA GLU A 684 -20.92 -27.12 -35.62
C GLU A 684 -21.15 -25.73 -35.06
N ILE A 685 -21.70 -24.87 -35.89
CA ILE A 685 -21.93 -23.47 -35.54
C ILE A 685 -23.36 -23.35 -35.10
N VAL A 686 -23.57 -22.66 -33.97
CA VAL A 686 -24.89 -22.40 -33.41
C VAL A 686 -25.01 -20.89 -33.29
N THR A 687 -26.15 -20.35 -33.72
CA THR A 687 -26.25 -18.91 -33.64
C THR A 687 -27.37 -18.49 -32.77
N VAL A 688 -27.36 -17.22 -32.40
CA VAL A 688 -28.41 -16.68 -31.58
C VAL A 688 -28.58 -15.22 -31.94
N GLU A 689 -29.77 -14.67 -31.80
CA GLU A 689 -30.05 -13.34 -32.32
C GLU A 689 -29.50 -12.10 -31.65
N ALA A 690 -28.58 -12.28 -30.77
CA ALA A 690 -27.89 -11.19 -30.08
C ALA A 690 -28.77 -10.08 -29.50
N LYS A 691 -30.00 -9.94 -30.02
CA LYS A 691 -30.93 -8.87 -29.56
C LYS A 691 -31.69 -9.39 -28.34
N GLU A 692 -31.82 -10.70 -28.21
CA GLU A 692 -32.47 -11.28 -27.01
C GLU A 692 -31.64 -10.93 -25.79
N LYS A 693 -30.31 -11.02 -25.92
CA LYS A 693 -29.40 -10.69 -24.79
C LYS A 693 -29.57 -9.21 -24.45
N PHE A 694 -29.69 -8.37 -25.47
CA PHE A 694 -29.85 -6.90 -25.24
C PHE A 694 -31.16 -6.65 -24.49
N ASP A 695 -32.22 -7.35 -24.86
CA ASP A 695 -33.54 -7.20 -24.19
C ASP A 695 -33.42 -7.65 -22.74
N ALA A 696 -32.69 -8.75 -22.49
CA ALA A 696 -32.48 -9.25 -21.11
C ALA A 696 -31.72 -8.18 -20.31
N ILE A 697 -30.74 -7.53 -20.93
CA ILE A 697 -29.98 -6.44 -20.26
C ILE A 697 -30.93 -5.28 -19.95
N CYS A 698 -31.84 -4.96 -20.88
CA CYS A 698 -32.66 -3.76 -20.65
C CYS A 698 -33.80 -4.00 -19.67
N LYS A 699 -34.30 -5.24 -19.56
CA LYS A 699 -35.54 -5.45 -18.82
C LYS A 699 -35.48 -4.98 -17.37
N TYR A 700 -34.31 -5.03 -16.74
CA TYR A 700 -34.21 -4.67 -15.34
C TYR A 700 -33.80 -3.20 -15.15
N GLN A 701 -33.95 -2.40 -16.19
CA GLN A 701 -33.83 -0.94 -16.11
C GLN A 701 -32.55 -0.47 -15.45
N PRO A 702 -31.38 -0.89 -15.95
CA PRO A 702 -30.12 -0.53 -15.30
C PRO A 702 -29.83 0.96 -15.47
N ARG A 703 -28.92 1.45 -14.63
CA ARG A 703 -28.40 2.79 -14.85
C ARG A 703 -27.34 2.76 -15.94
N LEU A 704 -26.88 3.94 -16.34
CA LEU A 704 -26.10 4.06 -17.56
C LEU A 704 -24.81 3.24 -17.50
N TYR A 705 -24.14 3.26 -16.36
CA TYR A 705 -22.81 2.65 -16.33
C TYR A 705 -22.88 1.12 -16.26
N LYS A 706 -23.84 0.56 -15.54
CA LYS A 706 -24.03 -0.89 -15.63
C LYS A 706 -24.41 -1.28 -17.04
N PHE A 707 -25.30 -0.49 -17.64
CA PHE A 707 -25.73 -0.77 -19.00
C PHE A 707 -24.55 -0.79 -19.95
N ASN A 708 -23.64 0.17 -19.80
CA ASN A 708 -22.46 0.20 -20.66
C ASN A 708 -21.58 -1.03 -20.42
N LYS A 709 -21.41 -1.44 -19.17
CA LYS A 709 -20.61 -2.63 -18.88
C LYS A 709 -21.23 -3.88 -19.51
N GLU A 710 -22.53 -4.08 -19.31
CA GLU A 710 -23.21 -5.24 -19.87
C GLU A 710 -23.20 -5.22 -21.39
N TYR A 711 -23.40 -4.04 -21.97
CA TYR A 711 -23.35 -3.91 -23.43
C TYR A 711 -21.95 -4.17 -23.96
N ALA A 712 -20.92 -3.82 -23.19
CA ALA A 712 -19.56 -4.18 -23.57
C ALA A 712 -19.38 -5.69 -23.61
N TYR A 713 -19.92 -6.39 -22.61
CA TYR A 713 -19.88 -7.85 -22.66
C TYR A 713 -20.59 -8.38 -23.90
N LEU A 714 -21.74 -7.79 -24.24
CA LEU A 714 -22.47 -8.23 -25.42
C LEU A 714 -21.68 -7.99 -26.70
N LEU A 715 -21.01 -6.84 -26.81
CA LEU A 715 -20.18 -6.57 -27.98
C LEU A 715 -19.06 -7.59 -28.10
N ARG A 716 -18.41 -7.91 -26.98
CA ARG A 716 -17.38 -8.93 -27.00
C ARG A 716 -17.93 -10.26 -27.48
N ASP A 717 -19.14 -10.62 -27.04
CA ASP A 717 -19.75 -11.86 -27.50
C ASP A 717 -20.02 -11.83 -29.00
N ILE A 718 -20.47 -10.68 -29.51
CA ILE A 718 -20.77 -10.56 -30.94
C ILE A 718 -19.50 -10.71 -31.77
N VAL A 719 -18.37 -10.20 -31.26
CA VAL A 719 -17.12 -10.20 -32.02
C VAL A 719 -16.58 -11.60 -32.29
N ARG A 720 -16.96 -12.59 -31.49
CA ARG A 720 -16.12 -13.78 -31.28
C ARG A 720 -15.89 -14.59 -32.55
N GLY A 721 -16.94 -14.90 -33.30
CA GLY A 721 -16.83 -15.83 -34.40
C GLY A 721 -16.64 -15.25 -35.78
N LYS A 722 -16.41 -13.95 -35.89
CA LYS A 722 -16.66 -13.23 -37.13
C LYS A 722 -15.49 -13.30 -38.10
N SER A 723 -15.78 -12.97 -39.36
CA SER A 723 -14.81 -12.87 -40.44
C SER A 723 -14.10 -11.52 -40.40
N LEU A 724 -13.07 -11.38 -41.25
CA LEU A 724 -12.41 -10.08 -41.35
C LEU A 724 -13.38 -9.01 -41.84
N VAL A 725 -14.27 -9.37 -42.76
CA VAL A 725 -15.20 -8.39 -43.33
C VAL A 725 -16.20 -7.92 -42.29
N GLU A 726 -16.76 -8.84 -41.51
CA GLU A 726 -17.73 -8.46 -40.48
C GLU A 726 -17.09 -7.59 -39.42
N LEU A 727 -15.81 -7.85 -39.11
CA LEU A 727 -15.13 -7.13 -38.04
C LEU A 727 -14.98 -5.65 -38.37
N GLN A 728 -15.11 -5.26 -39.65
CA GLN A 728 -15.01 -3.84 -39.98
C GLN A 728 -16.29 -3.05 -39.65
N GLN A 729 -17.48 -3.56 -39.94
CA GLN A 729 -18.64 -2.81 -39.49
C GLN A 729 -18.66 -2.85 -37.97
N ILE A 730 -18.39 -4.04 -37.42
CA ILE A 730 -18.39 -4.17 -35.96
C ILE A 730 -17.39 -3.18 -35.39
N ARG A 731 -16.31 -2.91 -36.13
CA ARG A 731 -15.33 -1.95 -35.67
C ARG A 731 -15.88 -0.52 -35.67
N GLN A 732 -16.68 -0.14 -36.67
CA GLN A 732 -17.26 1.20 -36.54
C GLN A 732 -18.19 1.24 -35.33
N GLU A 733 -18.92 0.14 -35.07
CA GLU A 733 -19.76 0.11 -33.88
C GLU A 733 -18.92 0.25 -32.61
N ILE A 734 -17.76 -0.41 -32.57
CA ILE A 734 -16.90 -0.37 -31.39
C ILE A 734 -16.41 1.05 -31.13
N PHE A 735 -15.90 1.70 -32.18
CA PHE A 735 -15.40 3.06 -32.01
C PHE A 735 -16.50 3.99 -31.55
N ARG A 736 -17.69 3.82 -32.09
CA ARG A 736 -18.82 4.66 -31.74
C ARG A 736 -19.22 4.45 -30.30
N PHE A 737 -19.22 3.20 -29.87
CA PHE A 737 -19.56 2.90 -28.48
C PHE A 737 -18.53 3.48 -27.52
N ILE A 738 -17.26 3.49 -27.92
CA ILE A 738 -16.21 3.93 -26.99
C ILE A 738 -16.14 5.45 -26.91
N GLU A 739 -16.34 6.16 -28.02
CA GLU A 739 -15.95 7.57 -28.07
C GLU A 739 -17.10 8.57 -28.16
N GLN A 740 -18.31 8.12 -28.49
CA GLN A 740 -19.36 9.13 -28.71
C GLN A 740 -20.37 9.12 -27.58
N ASP A 741 -20.90 10.29 -27.24
CA ASP A 741 -21.99 10.36 -26.24
C ASP A 741 -21.56 9.77 -24.91
N CYS A 742 -22.23 8.70 -24.47
CA CYS A 742 -21.97 8.13 -23.12
C CYS A 742 -20.87 7.06 -23.11
N GLY A 743 -19.92 7.04 -24.04
CA GLY A 743 -18.89 6.04 -23.93
C GLY A 743 -17.92 6.38 -22.82
N VAL A 744 -17.11 5.38 -22.47
CA VAL A 744 -16.25 5.48 -21.32
C VAL A 744 -15.19 6.58 -21.48
N THR A 745 -14.86 6.97 -22.70
CA THR A 745 -13.90 8.04 -22.90
C THR A 745 -14.52 9.42 -22.77
N ARG A 746 -15.81 9.51 -22.47
CA ARG A 746 -16.46 10.78 -22.22
C ARG A 746 -17.24 10.82 -20.91
N LEU A 747 -17.86 9.70 -20.52
CA LEU A 747 -18.63 9.63 -19.28
C LEU A 747 -18.14 8.49 -18.41
N GLY A 748 -18.27 8.69 -17.11
CA GLY A 748 -17.91 7.67 -16.13
C GLY A 748 -17.35 8.30 -14.87
N SER A 749 -17.87 7.87 -13.72
CA SER A 749 -17.41 8.41 -12.44
C SER A 749 -16.17 7.66 -11.98
N LEU A 750 -15.80 7.85 -10.72
CA LEU A 750 -14.74 7.08 -10.11
C LEU A 750 -15.26 5.83 -9.41
N SER A 751 -16.52 5.47 -9.63
CA SER A 751 -17.11 4.31 -8.99
C SER A 751 -16.47 3.02 -9.48
N LEU A 752 -16.58 1.98 -8.64
CA LEU A 752 -16.08 0.67 -9.02
C LEU A 752 -16.74 0.16 -10.29
N SER A 753 -18.04 0.43 -10.45
CA SER A 753 -18.76 -0.03 -11.63
C SER A 753 -18.19 0.59 -12.91
N THR A 754 -17.79 1.86 -12.85
CA THR A 754 -17.21 2.50 -14.03
C THR A 754 -15.87 1.86 -14.40
N LEU A 755 -15.04 1.54 -13.40
CA LEU A 755 -13.77 0.87 -13.68
C LEU A 755 -13.99 -0.50 -14.32
N GLU A 756 -14.96 -1.25 -13.80
CA GLU A 756 -15.29 -2.54 -14.42
C GLU A 756 -15.81 -2.35 -15.84
N THR A 757 -16.56 -1.27 -16.08
CA THR A 757 -17.04 -0.97 -17.43
C THR A 757 -15.87 -0.75 -18.39
N VAL A 758 -14.89 0.05 -17.97
CA VAL A 758 -13.74 0.32 -18.83
C VAL A 758 -12.98 -0.96 -19.12
N LYS A 759 -12.83 -1.81 -18.11
CA LYS A 759 -12.13 -3.08 -18.30
C LYS A 759 -12.89 -4.00 -19.26
N ALA A 760 -14.23 -3.98 -19.21
CA ALA A 760 -15.02 -4.75 -20.17
C ALA A 760 -14.83 -4.24 -21.60
N VAL A 761 -14.76 -2.91 -21.76
CA VAL A 761 -14.51 -2.35 -23.09
C VAL A 761 -13.15 -2.81 -23.62
N LYS A 762 -12.13 -2.77 -22.76
CA LYS A 762 -10.84 -3.33 -23.13
C LYS A 762 -10.98 -4.80 -23.55
N GLY A 763 -11.84 -5.55 -22.86
CA GLY A 763 -12.10 -6.91 -23.25
C GLY A 763 -12.65 -7.02 -24.67
N ILE A 764 -13.54 -6.09 -25.04
CA ILE A 764 -14.03 -6.07 -26.42
C ILE A 764 -12.87 -5.96 -27.40
N ILE A 765 -11.98 -5.00 -27.16
CA ILE A 765 -10.90 -4.79 -28.13
C ILE A 765 -9.95 -5.98 -28.16
N TYR A 766 -9.69 -6.58 -26.98
CA TYR A 766 -8.84 -7.77 -26.92
C TYR A 766 -9.45 -8.89 -27.75
N SER A 767 -10.75 -9.11 -27.61
CA SER A 767 -11.42 -10.17 -28.36
C SER A 767 -11.38 -9.87 -29.86
N TYR A 768 -11.52 -8.60 -30.23
CA TYR A 768 -11.40 -8.22 -31.63
C TYR A 768 -10.04 -8.64 -32.19
N PHE A 769 -8.97 -8.32 -31.47
CA PHE A 769 -7.64 -8.69 -31.95
C PHE A 769 -7.44 -10.20 -31.99
N SER A 770 -7.91 -10.91 -30.97
CA SER A 770 -7.74 -12.36 -30.95
C SER A 770 -8.51 -13.03 -32.09
N THR A 771 -9.75 -12.60 -32.33
CA THR A 771 -10.54 -13.16 -33.42
C THR A 771 -9.91 -12.85 -34.77
N ALA A 772 -9.47 -11.60 -34.97
CA ALA A 772 -8.95 -11.19 -36.26
C ALA A 772 -7.68 -11.96 -36.62
N LEU A 773 -6.79 -12.16 -35.64
CA LEU A 773 -5.50 -12.78 -35.88
C LEU A 773 -5.50 -14.29 -35.66
N ASN A 774 -6.67 -14.88 -35.43
CA ASN A 774 -6.83 -16.34 -35.35
C ASN A 774 -5.95 -16.92 -34.25
N ALA A 775 -6.09 -16.37 -33.05
CA ALA A 775 -5.28 -16.80 -31.91
C ALA A 775 -5.76 -18.15 -31.41
N SER A 776 -4.81 -19.00 -31.00
CA SER A 776 -5.10 -20.33 -30.50
C SER A 776 -3.93 -20.77 -29.63
N LYS A 777 -4.05 -21.99 -29.06
CA LYS A 777 -2.96 -22.53 -28.28
C LYS A 777 -1.72 -22.78 -29.13
N ASN A 778 -1.91 -23.14 -30.40
CA ASN A 778 -0.81 -23.37 -31.32
C ASN A 778 -0.37 -22.11 -32.04
N ASN A 779 -1.09 -21.01 -31.89
CA ASN A 779 -0.72 -19.73 -32.50
C ASN A 779 -0.94 -18.60 -31.50
N PRO A 780 -0.05 -18.48 -30.50
CA PRO A 780 -0.07 -17.29 -29.65
C PRO A 780 0.23 -16.05 -30.46
N ILE A 781 -0.43 -14.94 -30.12
CA ILE A 781 -0.29 -13.70 -30.86
C ILE A 781 0.29 -12.64 -29.95
N SER A 782 0.85 -11.63 -30.57
CA SER A 782 1.53 -10.65 -29.85
C SER A 782 1.13 -9.24 -30.11
N ASP A 783 1.71 -8.38 -29.32
CA ASP A 783 1.50 -6.97 -29.40
C ASP A 783 1.95 -6.38 -30.69
N GLU A 784 3.07 -6.83 -31.20
CA GLU A 784 3.54 -6.30 -32.45
C GLU A 784 2.57 -6.72 -33.54
N GLN A 785 2.06 -7.91 -33.46
CA GLN A 785 1.03 -8.33 -34.41
C GLN A 785 -0.22 -7.47 -34.29
N ARG A 786 -0.64 -7.17 -33.06
CA ARG A 786 -1.85 -6.37 -32.87
C ARG A 786 -1.68 -4.95 -33.39
N LYS A 787 -0.53 -4.32 -33.11
CA LYS A 787 -0.31 -2.97 -33.63
C LYS A 787 -0.17 -2.99 -35.13
N GLU A 788 0.43 -4.04 -35.69
CA GLU A 788 0.55 -4.16 -37.14
C GLU A 788 -0.83 -4.27 -37.79
N PHE A 789 -1.74 -5.04 -37.17
CA PHE A 789 -3.06 -5.24 -37.75
C PHE A 789 -3.94 -4.00 -37.66
N ASP A 790 -3.92 -3.28 -36.53
CA ASP A 790 -4.82 -2.14 -36.33
C ASP A 790 -4.26 -1.17 -35.30
N PRO A 791 -3.38 -0.26 -35.71
CA PRO A 791 -2.72 0.62 -34.71
C PRO A 791 -3.69 1.50 -33.93
N GLU A 792 -4.75 1.99 -34.56
CA GLU A 792 -5.71 2.86 -33.90
C GLU A 792 -6.34 2.18 -32.69
N LEU A 793 -6.83 0.95 -32.89
CA LEU A 793 -7.56 0.25 -31.84
C LEU A 793 -6.63 -0.23 -30.74
N PHE A 794 -5.41 -0.61 -31.11
CA PHE A 794 -4.38 -0.95 -30.13
C PHE A 794 -4.05 0.25 -29.25
N ALA A 795 -3.93 1.42 -29.86
CA ALA A 795 -3.73 2.64 -29.10
C ALA A 795 -4.89 2.91 -28.15
N LEU A 796 -6.14 2.62 -28.56
CA LEU A 796 -7.21 2.63 -27.57
C LEU A 796 -6.98 1.67 -26.42
N LEU A 797 -6.47 0.47 -26.69
CA LEU A 797 -6.22 -0.44 -25.57
C LEU A 797 -5.39 0.28 -24.51
N GLU A 798 -4.27 0.85 -24.95
CA GLU A 798 -3.40 1.55 -24.01
C GLU A 798 -4.11 2.75 -23.37
N LYS A 799 -4.91 3.47 -24.15
CA LYS A 799 -5.57 4.66 -23.62
C LYS A 799 -6.58 4.30 -22.53
N LEU A 800 -7.35 3.24 -22.74
CA LEU A 800 -8.33 2.81 -21.74
C LEU A 800 -7.64 2.39 -20.46
N GLU A 801 -6.52 1.68 -20.57
CA GLU A 801 -5.79 1.33 -19.36
C GLU A 801 -5.30 2.59 -18.63
N LEU A 802 -4.83 3.59 -19.38
CA LEU A 802 -4.39 4.83 -18.76
C LEU A 802 -5.55 5.56 -18.07
N ILE A 803 -6.73 5.53 -18.69
CA ILE A 803 -7.92 6.12 -18.09
C ILE A 803 -8.22 5.45 -16.75
N ARG A 804 -8.16 4.12 -16.71
CA ARG A 804 -8.41 3.42 -15.45
C ARG A 804 -7.38 3.78 -14.40
N THR A 805 -6.10 3.85 -14.78
CA THR A 805 -5.04 4.16 -13.83
C THR A 805 -5.26 5.54 -13.21
N ARG A 806 -5.56 6.54 -14.06
CA ARG A 806 -5.77 7.89 -13.55
C ARG A 806 -7.01 7.97 -12.67
N LYS A 807 -8.09 7.28 -13.07
CA LYS A 807 -9.28 7.25 -12.23
C LYS A 807 -8.96 6.71 -10.84
N LYS A 808 -8.25 5.59 -10.77
CA LYS A 808 -7.99 4.96 -9.48
C LYS A 808 -7.10 5.82 -8.59
N LYS A 809 -6.07 6.44 -9.18
CA LYS A 809 -5.20 7.34 -8.43
C LYS A 809 -5.98 8.53 -7.87
N GLN A 810 -6.75 9.20 -8.74
CA GLN A 810 -7.63 10.28 -8.29
C GLN A 810 -8.58 9.82 -7.20
N LYS A 811 -9.09 8.60 -7.29
CA LYS A 811 -10.10 8.11 -6.32
C LYS A 811 -9.48 7.86 -4.94
N VAL A 812 -8.30 7.26 -4.93
CA VAL A 812 -7.62 7.07 -3.64
C VAL A 812 -7.33 8.43 -3.01
N GLU A 813 -6.84 9.38 -3.81
CA GLU A 813 -6.55 10.71 -3.28
C GLU A 813 -7.82 11.38 -2.74
N ARG A 814 -8.94 11.25 -3.46
CA ARG A 814 -10.16 11.93 -3.04
C ARG A 814 -10.78 11.30 -1.81
N ILE A 815 -10.72 9.97 -1.69
CA ILE A 815 -11.23 9.32 -0.48
C ILE A 815 -10.45 9.78 0.73
N ALA A 816 -9.11 9.80 0.61
CA ALA A 816 -8.30 10.28 1.73
C ALA A 816 -8.63 11.72 2.07
N ASN A 817 -8.76 12.59 1.05
CA ASN A 817 -9.08 13.99 1.30
C ASN A 817 -10.43 14.14 2.00
N SER A 818 -11.42 13.35 1.60
CA SER A 818 -12.75 13.44 2.20
C SER A 818 -12.70 13.06 3.67
N LEU A 819 -12.05 11.95 3.98
CA LEU A 819 -11.95 11.56 5.40
C LEU A 819 -11.18 12.60 6.20
N ILE A 820 -10.14 13.19 5.59
CA ILE A 820 -9.31 14.13 6.34
C ILE A 820 -10.06 15.43 6.63
N GLN A 821 -10.89 15.84 5.68
CA GLN A 821 -11.74 17.04 5.87
C GLN A 821 -12.78 16.71 6.95
N THR A 822 -13.34 15.49 6.95
CA THR A 822 -14.27 15.12 8.02
C THR A 822 -13.59 15.21 9.38
N CYS A 823 -12.35 14.73 9.47
CA CYS A 823 -11.61 14.77 10.74
C CYS A 823 -11.29 16.21 11.14
N LEU A 824 -10.81 17.03 10.21
CA LEU A 824 -10.45 18.41 10.51
C LEU A 824 -11.67 19.22 10.89
N GLU A 825 -12.83 18.93 10.29
CA GLU A 825 -14.06 19.65 10.61
C GLU A 825 -14.56 19.32 11.99
N ASN A 826 -14.27 18.11 12.50
CA ASN A 826 -14.81 17.64 13.76
C ASN A 826 -13.73 17.42 14.82
N ASN A 827 -12.53 17.94 14.60
CA ASN A 827 -11.42 17.84 15.53
C ASN A 827 -11.18 16.40 15.97
N ILE A 828 -11.17 15.49 14.99
CA ILE A 828 -10.79 14.11 15.23
C ILE A 828 -9.26 14.03 15.21
N LYS A 829 -8.69 13.45 16.27
CA LYS A 829 -7.25 13.30 16.37
C LYS A 829 -6.78 11.88 16.10
N PHE A 830 -7.69 10.91 16.08
CA PHE A 830 -7.32 9.51 15.89
C PHE A 830 -8.24 8.90 14.85
N ILE A 831 -7.63 8.26 13.85
CA ILE A 831 -8.35 7.49 12.85
C ILE A 831 -7.95 6.05 13.02
N ARG A 832 -8.90 5.15 12.87
CA ARG A 832 -8.56 3.74 12.97
C ARG A 832 -9.28 3.02 11.84
N GLY A 833 -8.54 2.09 11.22
CA GLY A 833 -9.01 1.46 10.00
C GLY A 833 -8.37 0.11 9.81
N ALA A 834 -9.03 -0.72 8.99
CA ALA A 834 -8.56 -2.08 8.79
C ALA A 834 -7.30 -2.10 7.93
N GLY A 835 -6.21 -2.58 8.51
CA GLY A 835 -4.99 -2.83 7.75
C GLY A 835 -4.95 -4.29 7.36
N ASP A 836 -6.15 -4.87 7.26
CA ASP A 836 -6.35 -6.31 7.22
C ASP A 836 -6.86 -6.82 5.88
N LEU A 837 -7.38 -5.95 5.04
CA LEU A 837 -8.31 -6.34 3.98
C LEU A 837 -7.62 -7.16 2.89
N SER A 838 -8.40 -8.04 2.26
CA SER A 838 -7.88 -8.98 1.28
C SER A 838 -7.42 -8.27 0.01
N THR A 839 -6.34 -8.78 -0.59
CA THR A 839 -6.08 -8.38 -1.98
C THR A 839 -6.55 -9.44 -2.98
N THR A 840 -5.81 -10.55 -3.09
CA THR A 840 -6.03 -11.60 -4.10
C THR A 840 -5.24 -12.84 -3.70
N ASN A 841 -5.75 -14.01 -4.09
CA ASN A 841 -5.00 -15.26 -3.90
C ASN A 841 -5.67 -16.40 -4.66
N ASN A 842 -4.96 -17.54 -4.71
CA ASN A 842 -5.42 -18.71 -5.44
C ASN A 842 -6.79 -19.18 -4.97
N ALA A 843 -7.06 -19.10 -3.67
CA ALA A 843 -8.26 -19.70 -3.09
C ALA A 843 -9.52 -18.92 -3.40
N THR A 844 -9.42 -17.81 -4.12
CA THR A 844 -10.54 -16.91 -4.38
C THR A 844 -10.94 -17.02 -5.85
N LYS A 845 -12.23 -16.87 -6.11
CA LYS A 845 -12.73 -16.85 -7.48
C LYS A 845 -12.10 -15.69 -8.26
N LYS A 846 -12.00 -15.88 -9.57
CA LYS A 846 -11.30 -14.92 -10.41
C LYS A 846 -12.01 -13.57 -10.46
N LYS A 847 -13.35 -13.60 -10.54
CA LYS A 847 -14.10 -12.34 -10.60
C LYS A 847 -13.96 -11.55 -9.31
N ALA A 848 -14.00 -12.23 -8.16
CA ALA A 848 -13.75 -11.56 -6.90
C ALA A 848 -12.35 -10.96 -6.86
N ASN A 849 -11.36 -11.70 -7.36
CA ASN A 849 -10.00 -11.19 -7.39
C ASN A 849 -9.89 -9.96 -8.28
N SER A 850 -10.53 -9.98 -9.46
CA SER A 850 -10.47 -8.83 -10.35
C SER A 850 -11.13 -7.60 -9.73
N ARG A 851 -12.30 -7.78 -9.12
CA ARG A 851 -12.95 -6.67 -8.44
C ARG A 851 -12.08 -6.13 -7.31
N SER A 852 -11.46 -7.02 -6.54
CA SER A 852 -10.57 -6.58 -5.47
C SER A 852 -9.35 -5.83 -6.01
N MET A 853 -8.85 -6.25 -7.18
CA MET A 853 -7.77 -5.50 -7.81
C MET A 853 -8.20 -4.08 -8.13
N ASP A 854 -9.45 -3.89 -8.51
CA ASP A 854 -9.94 -2.54 -8.73
C ASP A 854 -10.44 -1.85 -7.46
N TRP A 855 -10.48 -2.57 -6.32
CA TRP A 855 -11.04 -2.01 -5.09
C TRP A 855 -10.08 -1.08 -4.36
N LEU A 856 -8.80 -1.44 -4.30
CA LEU A 856 -7.73 -0.60 -3.75
C LEU A 856 -7.92 -0.31 -2.26
N ALA A 857 -8.31 -1.33 -1.49
CA ALA A 857 -8.45 -1.15 -0.04
C ALA A 857 -7.11 -0.81 0.60
N ARG A 858 -6.05 -1.53 0.22
CA ARG A 858 -4.72 -1.24 0.73
C ARG A 858 -4.28 0.16 0.33
N GLY A 859 -4.57 0.56 -0.91
CA GLY A 859 -4.18 1.89 -1.36
C GLY A 859 -4.87 2.99 -0.59
N VAL A 860 -6.17 2.80 -0.30
CA VAL A 860 -6.90 3.78 0.49
C VAL A 860 -6.32 3.88 1.89
N PHE A 861 -6.02 2.73 2.50
CA PHE A 861 -5.41 2.75 3.82
C PHE A 861 -4.07 3.48 3.79
N ASN A 862 -3.23 3.18 2.80
CA ASN A 862 -1.92 3.81 2.71
C ASN A 862 -2.02 5.30 2.48
N LYS A 863 -3.01 5.74 1.70
CA LYS A 863 -3.19 7.16 1.45
C LYS A 863 -3.63 7.89 2.72
N ILE A 864 -4.55 7.29 3.47
CA ILE A 864 -4.94 7.90 4.75
C ILE A 864 -3.74 7.94 5.69
N ARG A 865 -2.92 6.88 5.68
CA ARG A 865 -1.71 6.86 6.50
C ARG A 865 -0.72 7.94 6.08
N GLN A 866 -0.69 8.27 4.79
CA GLN A 866 0.20 9.32 4.32
C GLN A 866 -0.31 10.71 4.68
N LEU A 867 -1.62 10.94 4.57
CA LEU A 867 -2.14 12.29 4.76
C LEU A 867 -2.34 12.63 6.24
N ALA A 868 -2.77 11.67 7.06
CA ALA A 868 -3.14 11.98 8.45
C ALA A 868 -2.02 12.64 9.25
N PRO A 869 -0.76 12.19 9.21
CA PRO A 869 0.27 12.88 10.00
C PRO A 869 0.52 14.31 9.57
N MET A 870 0.09 14.70 8.37
CA MET A 870 0.23 16.09 7.93
C MET A 870 -0.65 17.05 8.71
N HIS A 871 -1.60 16.54 9.50
CA HIS A 871 -2.42 17.35 10.39
C HIS A 871 -2.34 16.85 11.83
N ASN A 872 -1.26 16.16 12.18
CA ASN A 872 -1.06 15.59 13.52
C ASN A 872 -2.19 14.65 13.91
N ILE A 873 -2.74 13.92 12.94
CA ILE A 873 -3.75 12.91 13.18
C ILE A 873 -3.09 11.54 13.15
N THR A 874 -3.30 10.75 14.19
CA THR A 874 -2.69 9.43 14.30
C THR A 874 -3.63 8.37 13.74
N LEU A 875 -3.12 7.56 12.82
CA LEU A 875 -3.87 6.45 12.26
C LEU A 875 -3.35 5.14 12.84
N PHE A 876 -4.28 4.31 13.32
CA PHE A 876 -3.98 2.95 13.76
C PHE A 876 -4.63 1.94 12.81
N GLY A 877 -3.84 0.94 12.43
CA GLY A 877 -4.37 -0.20 11.69
C GLY A 877 -4.86 -1.26 12.65
N CYS A 878 -5.97 -1.90 12.28
CA CYS A 878 -6.61 -2.90 13.11
C CYS A 878 -7.12 -4.03 12.23
N GLY A 879 -7.43 -5.15 12.87
CA GLY A 879 -8.02 -6.27 12.15
C GLY A 879 -9.50 -6.04 11.88
N SER A 880 -9.97 -6.57 10.75
CA SER A 880 -11.36 -6.47 10.35
C SER A 880 -12.16 -7.70 10.74
N LEU A 881 -11.59 -8.57 11.58
CA LEU A 881 -12.21 -9.83 11.97
C LEU A 881 -13.50 -9.58 12.72
N TYR A 882 -14.64 -9.85 12.07
CA TYR A 882 -16.00 -9.74 12.60
C TYR A 882 -16.47 -8.31 12.79
N THR A 883 -15.78 -7.32 12.21
CA THR A 883 -16.17 -5.92 12.41
C THR A 883 -17.45 -5.54 11.70
N SER A 884 -18.00 -6.40 10.85
CA SER A 884 -19.30 -6.14 10.23
C SER A 884 -20.46 -6.67 11.05
N HIS A 885 -20.20 -7.42 12.12
CA HIS A 885 -21.26 -8.10 12.86
C HIS A 885 -21.26 -7.81 14.36
N GLN A 886 -20.23 -7.16 14.89
CA GLN A 886 -20.22 -6.83 16.31
C GLN A 886 -21.28 -5.78 16.62
N ASP A 887 -21.80 -5.84 17.85
CA ASP A 887 -22.77 -4.87 18.32
C ASP A 887 -22.03 -3.74 19.03
N PRO A 888 -21.98 -2.54 18.47
CA PRO A 888 -21.15 -1.48 19.07
C PRO A 888 -21.58 -1.16 20.50
N LEU A 889 -20.58 -0.98 21.36
CA LEU A 889 -20.68 -0.72 22.79
C LEU A 889 -21.18 -1.92 23.59
N VAL A 890 -21.54 -3.02 22.92
CA VAL A 890 -21.89 -4.26 23.60
C VAL A 890 -20.79 -5.30 23.47
N HIS A 891 -20.24 -5.45 22.26
CA HIS A 891 -19.22 -6.44 22.00
C HIS A 891 -17.98 -6.20 22.84
N ARG A 892 -17.55 -7.24 23.58
CA ARG A 892 -16.42 -7.16 24.51
C ARG A 892 -16.60 -6.01 25.51
N ASN A 893 -17.85 -5.75 25.88
CA ASN A 893 -18.18 -4.71 26.86
C ASN A 893 -19.28 -5.25 27.78
N PRO A 894 -19.04 -6.39 28.46
CA PRO A 894 -17.79 -7.15 28.62
C PRO A 894 -17.56 -8.40 27.73
N ASP A 895 -18.60 -9.04 27.21
CA ASP A 895 -18.42 -10.27 26.44
C ASP A 895 -18.76 -10.06 24.96
N LYS A 896 -18.51 -11.14 24.21
CA LYS A 896 -18.72 -11.09 22.73
C LYS A 896 -20.19 -10.86 22.43
N ALA A 897 -20.46 -9.96 21.48
CA ALA A 897 -21.83 -9.67 21.06
C ALA A 897 -21.88 -9.51 19.56
N MET A 898 -22.64 -10.38 18.87
CA MET A 898 -22.68 -10.37 17.42
C MET A 898 -24.07 -10.71 16.93
N LYS A 899 -24.41 -10.03 15.85
CA LYS A 899 -25.74 -10.22 15.23
C LYS A 899 -25.52 -10.24 13.72
N CYS A 900 -26.48 -10.78 12.99
CA CYS A 900 -26.45 -10.85 11.54
C CYS A 900 -26.82 -9.50 10.95
N ARG A 901 -26.69 -9.40 9.62
CA ARG A 901 -27.08 -8.21 8.89
C ARG A 901 -28.41 -8.43 8.20
N TRP A 902 -29.06 -7.32 7.84
CA TRP A 902 -30.44 -7.36 7.39
C TRP A 902 -30.61 -6.51 6.13
N ALA A 903 -31.67 -6.82 5.39
CA ALA A 903 -32.07 -6.03 4.23
C ALA A 903 -33.55 -5.67 4.35
N ALA A 904 -33.89 -4.49 3.85
CA ALA A 904 -35.25 -3.97 3.84
C ALA A 904 -35.82 -4.18 2.44
N ILE A 905 -36.63 -5.21 2.28
CA ILE A 905 -37.15 -5.63 0.98
C ILE A 905 -38.65 -5.37 1.00
N PRO A 906 -39.23 -4.76 -0.03
CA PRO A 906 -40.69 -4.74 -0.10
C PRO A 906 -41.26 -6.14 -0.25
N VAL A 907 -42.45 -6.37 0.33
CA VAL A 907 -43.08 -7.69 0.28
C VAL A 907 -43.37 -8.11 -1.16
N LYS A 908 -43.88 -7.20 -1.95
CA LYS A 908 -43.81 -7.24 -3.42
C LYS A 908 -42.56 -7.86 -4.04
N ASP A 909 -41.40 -7.43 -3.57
CA ASP A 909 -40.15 -7.75 -4.24
C ASP A 909 -39.47 -8.96 -3.65
N ILE A 910 -40.19 -9.77 -2.88
CA ILE A 910 -39.62 -10.95 -2.24
C ILE A 910 -39.74 -12.11 -3.23
N GLY A 911 -38.63 -12.44 -3.89
CA GLY A 911 -38.60 -13.53 -4.84
C GLY A 911 -37.94 -14.79 -4.29
N ASP A 912 -37.68 -15.72 -5.20
CA ASP A 912 -37.04 -16.98 -4.78
C ASP A 912 -35.60 -16.77 -4.31
N TRP A 913 -34.94 -15.68 -4.68
CA TRP A 913 -33.62 -15.42 -4.11
C TRP A 913 -33.71 -15.19 -2.61
N VAL A 914 -34.78 -14.51 -2.17
CA VAL A 914 -35.02 -14.32 -0.74
C VAL A 914 -35.25 -15.67 -0.07
N LEU A 915 -36.07 -16.52 -0.67
CA LEU A 915 -36.34 -17.83 -0.08
C LEU A 915 -35.08 -18.68 -0.05
N ARG A 916 -34.25 -18.58 -1.09
CA ARG A 916 -32.97 -19.27 -1.10
C ARG A 916 -32.11 -18.83 0.07
N LYS A 917 -32.01 -17.53 0.31
CA LYS A 917 -31.17 -17.04 1.40
C LYS A 917 -31.75 -17.42 2.75
N LEU A 918 -33.08 -17.40 2.90
CA LEU A 918 -33.69 -17.83 4.14
C LEU A 918 -33.39 -19.31 4.42
N SER A 919 -33.60 -20.17 3.42
CA SER A 919 -33.32 -21.59 3.58
C SER A 919 -31.87 -21.83 3.92
N GLN A 920 -30.96 -21.12 3.25
CA GLN A 920 -29.54 -21.34 3.42
C GLN A 920 -29.06 -20.87 4.78
N ASN A 921 -29.55 -19.71 5.23
CA ASN A 921 -29.21 -19.25 6.58
C ASN A 921 -29.82 -20.16 7.64
N LEU A 922 -30.98 -20.77 7.34
CA LEU A 922 -31.62 -21.64 8.32
C LEU A 922 -30.92 -23.00 8.44
N ARG A 923 -30.23 -23.48 7.39
CA ARG A 923 -29.23 -24.52 7.64
C ARG A 923 -27.84 -24.07 8.05
N ALA A 924 -27.63 -22.77 8.24
CA ALA A 924 -26.26 -22.31 8.56
C ALA A 924 -25.96 -22.60 10.03
N LYS A 925 -26.13 -23.86 10.45
CA LYS A 925 -25.78 -24.23 11.84
C LYS A 925 -24.28 -24.54 11.88
N ASN A 926 -23.45 -23.49 11.84
CA ASN A 926 -21.98 -23.69 11.76
C ASN A 926 -21.30 -22.59 12.57
N ILE A 927 -20.01 -22.77 12.89
CA ILE A 927 -19.24 -21.72 13.61
C ILE A 927 -19.04 -20.51 12.69
N GLY A 928 -18.41 -19.45 13.18
CA GLY A 928 -18.26 -18.24 12.39
C GLY A 928 -19.55 -17.43 12.38
N THR A 929 -19.75 -16.68 11.30
CA THR A 929 -20.91 -15.79 11.21
C THR A 929 -22.23 -16.53 11.09
N GLY A 930 -22.21 -17.78 10.60
CA GLY A 930 -23.45 -18.46 10.28
C GLY A 930 -24.39 -18.61 11.46
N GLU A 931 -23.82 -18.87 12.65
CA GLU A 931 -24.59 -18.88 13.89
C GLU A 931 -25.57 -17.71 13.90
N TYR A 932 -25.05 -16.50 13.71
CA TYR A 932 -25.85 -15.30 13.81
C TYR A 932 -26.86 -15.18 12.69
N TYR A 933 -26.57 -15.75 11.52
CA TYR A 933 -27.58 -15.74 10.47
C TYR A 933 -28.66 -16.77 10.75
N HIS A 934 -28.29 -17.92 11.33
CA HIS A 934 -29.32 -18.89 11.71
C HIS A 934 -30.29 -18.25 12.69
N GLN A 935 -29.76 -17.69 13.77
CA GLN A 935 -30.53 -16.88 14.70
C GLN A 935 -31.42 -15.90 13.96
N GLY A 936 -30.85 -15.20 12.99
CA GLY A 936 -31.62 -14.18 12.28
C GLY A 936 -32.92 -14.74 11.74
N VAL A 937 -32.83 -15.86 11.03
CA VAL A 937 -34.03 -16.36 10.36
C VAL A 937 -35.04 -16.75 11.43
N LYS A 938 -34.57 -17.35 12.51
CA LYS A 938 -35.41 -17.65 13.66
C LYS A 938 -36.22 -16.44 14.05
N GLU A 939 -35.53 -15.34 14.36
CA GLU A 939 -36.22 -14.13 14.77
C GLU A 939 -37.21 -13.71 13.69
N PHE A 940 -36.79 -13.77 12.42
CA PHE A 940 -37.67 -13.44 11.32
C PHE A 940 -38.97 -14.23 11.41
N LEU A 941 -38.84 -15.56 11.53
CA LEU A 941 -40.03 -16.39 11.56
C LEU A 941 -40.88 -16.08 12.79
N SER A 942 -40.23 -15.78 13.91
CA SER A 942 -40.99 -15.43 15.10
C SER A 942 -41.66 -14.08 14.94
N HIS A 943 -40.97 -13.12 14.31
CA HIS A 943 -41.51 -11.77 14.29
C HIS A 943 -42.70 -11.65 13.34
N TYR A 944 -42.69 -12.40 12.24
CA TYR A 944 -43.77 -12.34 11.27
C TYR A 944 -44.75 -13.48 11.40
N GLU A 945 -44.69 -14.23 12.51
CA GLU A 945 -45.60 -15.33 12.79
C GLU A 945 -45.65 -16.31 11.61
N LEU A 946 -44.45 -16.70 11.15
CA LEU A 946 -44.29 -17.61 10.02
C LEU A 946 -43.59 -18.89 10.45
N GLN A 947 -43.74 -19.28 11.72
CA GLN A 947 -43.09 -20.48 12.20
C GLN A 947 -43.53 -21.71 11.41
N ASP A 948 -44.81 -21.76 11.03
CA ASP A 948 -45.36 -22.93 10.35
C ASP A 948 -44.71 -23.16 9.00
N LEU A 949 -44.10 -22.14 8.41
CA LEU A 949 -43.43 -22.33 7.14
C LEU A 949 -42.06 -23.01 7.28
N GLU A 950 -41.57 -23.24 8.50
CA GLU A 950 -40.13 -23.38 8.68
C GLU A 950 -39.60 -24.56 7.88
N GLU A 951 -40.31 -25.69 8.00
CA GLU A 951 -39.83 -26.92 7.41
C GLU A 951 -39.82 -26.81 5.91
N GLU A 952 -40.83 -26.14 5.34
CA GLU A 952 -40.80 -25.88 3.90
C GLU A 952 -39.53 -25.13 3.52
N LEU A 953 -39.09 -24.22 4.38
CA LEU A 953 -37.86 -23.47 4.13
C LEU A 953 -36.63 -24.36 4.24
N LEU A 954 -36.63 -25.33 5.17
CA LEU A 954 -35.43 -26.15 5.34
C LEU A 954 -35.22 -27.08 4.15
N LYS A 955 -36.29 -27.50 3.50
CA LYS A 955 -36.19 -28.36 2.33
C LYS A 955 -36.08 -27.59 1.04
N TRP A 956 -36.25 -26.26 1.07
CA TRP A 956 -36.05 -25.45 -0.13
C TRP A 956 -34.67 -25.69 -0.68
N ARG A 957 -34.64 -26.18 -1.91
CA ARG A 957 -33.41 -26.39 -2.67
C ARG A 957 -33.64 -25.80 -4.04
N SER A 958 -32.59 -25.21 -4.60
CA SER A 958 -32.74 -24.47 -5.85
C SER A 958 -33.16 -25.36 -7.02
N ASP A 959 -32.96 -26.69 -6.92
CA ASP A 959 -33.47 -27.58 -7.95
C ASP A 959 -34.97 -27.83 -7.81
N ARG A 960 -35.44 -28.05 -6.58
CA ARG A 960 -36.74 -28.70 -6.35
C ARG A 960 -37.90 -27.96 -7.01
N LYS A 961 -38.78 -28.73 -7.66
CA LYS A 961 -40.06 -28.21 -8.14
C LYS A 961 -41.14 -28.26 -7.07
N SER A 962 -40.96 -29.07 -6.02
CA SER A 962 -41.85 -29.08 -4.88
C SER A 962 -41.61 -27.91 -3.94
N ASN A 963 -40.69 -27.01 -4.30
CA ASN A 963 -40.38 -25.86 -3.47
C ASN A 963 -41.62 -25.03 -3.20
N ILE A 964 -41.72 -24.53 -1.97
CA ILE A 964 -42.72 -23.56 -1.60
C ILE A 964 -42.48 -22.32 -2.46
N PRO A 965 -43.45 -21.86 -3.25
CA PRO A 965 -43.21 -20.73 -4.16
C PRO A 965 -43.06 -19.43 -3.38
N CYS A 966 -42.64 -18.37 -4.07
CA CYS A 966 -42.45 -17.11 -3.36
C CYS A 966 -43.77 -16.41 -3.03
N TRP A 967 -44.85 -16.71 -3.76
CA TRP A 967 -46.08 -15.96 -3.54
C TRP A 967 -46.80 -16.37 -2.25
N VAL A 968 -46.57 -17.59 -1.73
CA VAL A 968 -47.09 -17.89 -0.40
C VAL A 968 -46.51 -16.92 0.62
N LEU A 969 -45.20 -16.69 0.55
CA LEU A 969 -44.53 -15.92 1.60
C LEU A 969 -44.89 -14.45 1.44
N GLN A 970 -45.00 -14.00 0.18
CA GLN A 970 -45.50 -12.65 -0.08
C GLN A 970 -46.93 -12.47 0.42
N ASN A 971 -47.81 -13.44 0.19
CA ASN A 971 -49.19 -13.31 0.64
C ASN A 971 -49.26 -13.25 2.16
N ARG A 972 -48.47 -14.06 2.85
CA ARG A 972 -48.48 -14.03 4.32
C ARG A 972 -48.03 -12.67 4.83
N LEU A 973 -46.91 -12.16 4.31
CA LEU A 973 -46.43 -10.87 4.80
C LEU A 973 -47.36 -9.73 4.40
N ALA A 974 -48.03 -9.85 3.25
CA ALA A 974 -49.02 -8.85 2.86
C ALA A 974 -50.22 -8.87 3.80
N GLU A 975 -50.69 -10.08 4.16
CA GLU A 975 -51.69 -10.19 5.21
C GLU A 975 -51.26 -9.43 6.44
N LYS A 976 -50.02 -9.64 6.88
CA LYS A 976 -49.69 -9.13 8.19
C LYS A 976 -49.26 -7.67 8.20
N LEU A 977 -48.59 -7.20 7.15
CA LEU A 977 -48.11 -5.82 7.13
C LEU A 977 -49.08 -4.85 6.46
N GLY A 978 -50.15 -5.35 5.84
CA GLY A 978 -51.25 -4.52 5.39
C GLY A 978 -51.29 -4.23 3.91
N ASN A 979 -50.12 -4.16 3.27
CA ASN A 979 -50.05 -3.78 1.83
C ASN A 979 -48.88 -4.50 1.15
N LYS A 980 -48.75 -4.33 -0.16
CA LYS A 980 -47.67 -5.01 -0.93
C LYS A 980 -46.42 -4.11 -1.02
N GLU A 981 -46.51 -2.87 -0.56
CA GLU A 981 -45.34 -1.94 -0.59
C GLU A 981 -44.65 -1.95 0.78
N ALA A 982 -45.10 -2.82 1.69
CA ALA A 982 -44.58 -2.83 3.07
C ALA A 982 -43.15 -3.36 3.15
N VAL A 983 -42.30 -2.70 3.94
CA VAL A 983 -40.93 -3.17 4.14
C VAL A 983 -40.91 -4.38 5.05
N VAL A 984 -40.20 -5.42 4.63
CA VAL A 984 -39.93 -6.63 5.41
C VAL A 984 -38.43 -6.68 5.63
N TYR A 985 -38.02 -7.09 6.82
CA TYR A 985 -36.61 -7.23 7.16
C TYR A 985 -36.22 -8.70 7.02
N ILE A 986 -35.25 -8.97 6.16
CA ILE A 986 -34.79 -10.33 5.88
C ILE A 986 -33.31 -10.42 6.25
N PRO A 987 -32.89 -11.44 7.01
CA PRO A 987 -31.47 -11.59 7.34
C PRO A 987 -30.66 -12.05 6.13
N VAL A 988 -29.83 -11.17 5.58
CA VAL A 988 -29.07 -11.46 4.38
C VAL A 988 -27.61 -11.07 4.63
N ARG A 989 -26.70 -11.88 4.10
CA ARG A 989 -25.29 -11.50 4.13
C ARG A 989 -25.06 -10.29 3.24
N GLY A 990 -24.26 -9.34 3.74
CA GLY A 990 -24.04 -8.12 3.01
C GLY A 990 -25.20 -7.16 3.02
N GLY A 991 -26.21 -7.39 3.85
CA GLY A 991 -27.31 -6.46 3.96
C GLY A 991 -26.85 -5.13 4.55
N ARG A 992 -27.53 -4.09 4.17
CA ARG A 992 -27.20 -2.78 4.58
C ARG A 992 -27.87 -2.29 5.86
N ILE A 993 -28.60 -3.15 6.50
CA ILE A 993 -29.27 -2.84 7.75
C ILE A 993 -28.62 -3.65 8.86
N TYR A 994 -28.43 -3.02 10.01
CA TYR A 994 -27.97 -3.68 11.22
C TYR A 994 -28.89 -3.29 12.37
N PHE A 995 -29.35 -4.29 13.12
CA PHE A 995 -30.20 -4.06 14.29
C PHE A 995 -29.27 -3.92 15.51
N ALA A 996 -29.08 -2.68 15.96
CA ALA A 996 -28.09 -2.39 16.99
C ALA A 996 -28.76 -2.15 18.34
N THR A 997 -28.06 -2.54 19.41
CA THR A 997 -28.58 -2.32 20.76
C THR A 997 -28.70 -0.83 21.07
N HIS A 998 -27.69 -0.05 20.71
CA HIS A 998 -27.62 1.37 21.02
C HIS A 998 -27.72 2.21 19.75
N LYS A 999 -28.05 3.49 19.93
CA LYS A 999 -28.15 4.42 18.81
C LYS A 999 -26.73 4.81 18.39
N VAL A 1000 -26.18 4.03 17.46
CA VAL A 1000 -24.77 4.13 17.10
C VAL A 1000 -24.58 4.53 15.64
N ALA A 1001 -25.59 5.15 15.04
CA ALA A 1001 -25.49 5.60 13.66
C ALA A 1001 -26.44 6.77 13.45
N THR A 1002 -25.96 7.81 12.78
CA THR A 1002 -26.79 8.97 12.50
C THR A 1002 -27.98 8.56 11.64
N GLY A 1003 -29.18 8.99 12.04
CA GLY A 1003 -30.40 8.67 11.33
C GLY A 1003 -31.06 7.38 11.76
N ALA A 1004 -30.47 6.63 12.68
CA ALA A 1004 -31.08 5.38 13.14
C ALA A 1004 -32.36 5.67 13.91
N VAL A 1005 -33.38 4.85 13.68
CA VAL A 1005 -34.66 4.98 14.39
C VAL A 1005 -34.92 3.69 15.14
N SER A 1006 -35.66 3.83 16.24
CA SER A 1006 -35.93 2.71 17.13
C SER A 1006 -37.20 1.97 16.71
N ILE A 1007 -37.13 0.64 16.73
CA ILE A 1007 -38.27 -0.22 16.50
C ILE A 1007 -38.21 -1.38 17.51
N VAL A 1008 -39.28 -2.16 17.54
CA VAL A 1008 -39.32 -3.41 18.28
C VAL A 1008 -39.44 -4.54 17.27
N PHE A 1009 -38.45 -5.43 17.27
CA PHE A 1009 -38.40 -6.56 16.35
C PHE A 1009 -38.22 -7.83 17.16
N ASP A 1010 -39.11 -8.81 16.92
CA ASP A 1010 -39.17 -10.04 17.72
C ASP A 1010 -39.13 -9.73 19.21
N GLN A 1011 -39.92 -8.74 19.62
CA GLN A 1011 -40.03 -8.32 21.02
C GLN A 1011 -38.70 -7.88 21.60
N LYS A 1012 -37.83 -7.28 20.79
CA LYS A 1012 -36.60 -6.70 21.29
C LYS A 1012 -36.47 -5.29 20.73
N GLN A 1013 -36.16 -4.33 21.60
CA GLN A 1013 -35.98 -2.96 21.16
C GLN A 1013 -34.62 -2.83 20.51
N VAL A 1014 -34.59 -2.24 19.31
CA VAL A 1014 -33.39 -2.17 18.49
C VAL A 1014 -33.40 -0.88 17.68
N TRP A 1015 -32.22 -0.47 17.24
CA TRP A 1015 -32.02 0.68 16.37
C TRP A 1015 -31.71 0.16 14.98
N VAL A 1016 -32.51 0.58 14.01
CA VAL A 1016 -32.28 0.22 12.61
C VAL A 1016 -31.18 1.14 12.08
N CYS A 1017 -29.98 0.60 11.88
CA CYS A 1017 -28.82 1.40 11.53
C CYS A 1017 -28.29 0.99 10.17
N ASN A 1018 -27.66 1.95 9.49
CA ASN A 1018 -26.81 1.63 8.35
C ASN A 1018 -25.73 0.66 8.81
N ALA A 1019 -25.71 -0.54 8.20
CA ALA A 1019 -24.80 -1.58 8.65
C ALA A 1019 -23.34 -1.16 8.49
N ASP A 1020 -23.03 -0.35 7.51
CA ASP A 1020 -21.70 0.13 7.24
C ASP A 1020 -21.28 1.17 8.24
N HIS A 1021 -22.19 1.99 8.66
CA HIS A 1021 -21.92 2.90 9.77
C HIS A 1021 -21.63 2.11 11.04
N VAL A 1022 -22.36 1.02 11.27
CA VAL A 1022 -22.11 0.17 12.42
C VAL A 1022 -20.72 -0.46 12.34
N ALA A 1023 -20.32 -0.91 11.15
CA ALA A 1023 -18.98 -1.45 10.98
C ALA A 1023 -17.92 -0.40 11.26
N ALA A 1024 -18.16 0.84 10.79
CA ALA A 1024 -17.23 1.93 11.07
C ALA A 1024 -17.13 2.19 12.57
N ALA A 1025 -18.25 2.14 13.28
CA ALA A 1025 -18.22 2.30 14.73
C ALA A 1025 -17.43 1.17 15.39
N ASN A 1026 -17.63 -0.07 14.93
CA ASN A 1026 -16.87 -1.19 15.46
C ASN A 1026 -15.37 -0.98 15.27
N ILE A 1027 -14.98 -0.51 14.09
CA ILE A 1027 -13.57 -0.23 13.81
C ILE A 1027 -13.07 0.88 14.71
N ALA A 1028 -13.89 1.91 14.94
CA ALA A 1028 -13.50 3.01 15.82
C ALA A 1028 -13.26 2.54 17.24
N LEU A 1029 -14.09 1.62 17.73
CA LEU A 1029 -13.98 1.12 19.10
C LEU A 1029 -12.98 -0.02 19.23
N THR A 1030 -12.35 -0.45 18.14
CA THR A 1030 -11.31 -1.46 18.23
C THR A 1030 -10.06 -0.88 18.87
N VAL A 1031 -9.37 -1.70 19.66
CA VAL A 1031 -8.12 -1.28 20.29
C VAL A 1031 -6.96 -2.22 19.96
N LYS A 1032 -7.23 -3.49 19.63
CA LYS A 1032 -6.16 -4.47 19.42
C LYS A 1032 -5.61 -4.37 18.01
N GLY A 1033 -4.28 -4.50 17.91
CA GLY A 1033 -3.58 -4.23 16.67
C GLY A 1033 -3.78 -5.30 15.61
N ILE A 1034 -3.18 -5.08 14.44
CA ILE A 1034 -3.43 -5.98 13.28
C ILE A 1034 -3.08 -7.44 13.55
N GLY A 1035 -1.82 -7.77 13.87
CA GLY A 1035 -1.45 -9.20 13.96
C GLY A 1035 -2.17 -9.98 15.04
N GLU A 1036 -2.25 -9.42 16.25
CA GLU A 1036 -2.96 -10.09 17.37
C GLU A 1036 -3.42 -9.00 18.33
N GLN A 1037 -2.47 -8.37 19.01
CA GLN A 1037 -2.79 -7.26 19.93
C GLN A 1037 -1.82 -6.10 19.65
#